data_4KBI
#
_entry.id   4KBI
#
_cell.length_a   86.040
_cell.length_b   106.450
_cell.length_c   126.490
_cell.angle_alpha   90.000
_cell.angle_beta   90.000
_cell.angle_gamma   90.000
#
_symmetry.space_group_name_H-M   'P 21 21 21'
#
loop_
_entity.id
_entity.type
_entity.pdbx_description
1 polymer 'HCV Polymerase'
2 non-polymer 5-cyclopropyl-6-{[(7-fluoro-1-hydroxy-1,3-dihydro-2,1-benzoxaborol-5-yl)methyl](methylsulfonyl)amino}-2-(4-fluorophenyl)-N-methyl-1-benzofuran-3-carboxamide
3 water water
#
_entity_poly.entity_id   1
_entity_poly.type   'polypeptide(L)'
_entity_poly.pdbx_seq_one_letter_code
;MASMSYTWTGALITPCAAEESKLPINALSNSLLRHHNMVYATTSRSAGQRQKKVTFDRLQVLDDHYRDVLKEMKAKASTV
KAKLLSVEEACKLTPPHSAKSKYGYGAKDVRNLSSRAVNHIHSVWKDLLEDTVTPIDTTIMAKNEVFCVQPEKGGRKPAR
LIVFPDLGVRVCEKMALYDVVSTLPQVVMGSSYGFQYSPGQRVEFLVNTWKSKKNPMGFSYDTRCFDSTVTENDIRVEES
IYQCCDLAPEARQAIKSLTERLYIGGPLTNSKGQNCGYRRCRASGVLTTSCGNTLTCYLKASAACRAAKLQDCTMLVYGD
DLVVICESAGTQEDAASLRVFTEAMTRYSAPPGDPPQPEYDLELITSCSSNVSVAHDASGKRVYYLTRDPTTPLARAAWE
TARHTPVNSWLGNIIMYAPTLWARMILMTHFFSILLAQEQLEKALDCQIYGACYSIEPLDLPQIIERLHGLSAFSLHSYS
PGEINRVASCLRKLGVPPLRVWRHRARSVRARLLSQGGRAATCGKYLFNWAVKTKLKLTPIPAASRLDLSGWFVAGYSGG
DIYHSLSRARPRLEHHHHHH
;
_entity_poly.pdbx_strand_id   A,B
#
loop_
_chem_comp.id
_chem_comp.type
_chem_comp.name
_chem_comp.formula
1C0 non-polymer 5-cyclopropyl-6-{[(7-fluoro-1-hydroxy-1,3-dihydro-2,1-benzoxaborol-5-yl)methyl](methylsulfonyl)amino}-2-(4-fluorophenyl)-N-methyl-1-benzofuran-3-carboxamide 'C28 H25 B F2 N2 O6 S'
#
# COMPACT_ATOMS: atom_id res chain seq x y z
N SER A 3 -14.72 -7.00 -3.59
CA SER A 3 -15.37 -7.12 -2.26
C SER A 3 -16.71 -6.38 -2.25
N MET A 4 -17.73 -7.04 -1.73
CA MET A 4 -19.06 -6.44 -1.64
C MET A 4 -19.10 -5.49 -0.45
N SER A 5 -19.67 -4.31 -0.66
CA SER A 5 -19.77 -3.30 0.39
C SER A 5 -20.47 -3.83 1.63
N TYR A 6 -21.49 -4.68 1.42
CA TYR A 6 -22.23 -5.32 2.49
C TYR A 6 -22.64 -6.74 2.12
N THR A 7 -22.79 -7.59 3.12
CA THR A 7 -23.48 -8.86 3.00
C THR A 7 -24.68 -8.82 3.94
N TRP A 8 -25.80 -9.42 3.52
CA TRP A 8 -27.05 -9.36 4.29
C TRP A 8 -27.57 -10.75 4.65
N THR A 9 -28.18 -10.87 5.82
CA THR A 9 -28.73 -12.13 6.32
C THR A 9 -30.21 -12.28 6.00
N GLY A 10 -30.91 -11.16 5.81
CA GLY A 10 -32.35 -11.17 5.60
C GLY A 10 -33.13 -10.59 6.76
N ALA A 11 -32.51 -10.52 7.94
CA ALA A 11 -33.13 -9.87 9.08
C ALA A 11 -33.34 -8.39 8.78
N LEU A 12 -34.48 -7.86 9.18
CA LEU A 12 -34.86 -6.49 8.83
C LEU A 12 -34.14 -5.49 9.72
N ILE A 13 -33.95 -4.29 9.17
CA ILE A 13 -33.47 -3.15 9.95
C ILE A 13 -34.67 -2.56 10.66
N THR A 14 -34.66 -2.66 11.99
CA THR A 14 -35.83 -2.34 12.82
C THR A 14 -35.70 -0.97 13.49
N PRO A 15 -36.84 -0.34 13.79
CA PRO A 15 -36.82 0.93 14.52
C PRO A 15 -36.68 0.73 16.04
N CYS A 16 -36.28 1.78 16.76
CA CYS A 16 -36.22 1.74 18.22
C CYS A 16 -37.28 2.63 18.87
N ALA A 17 -38.19 3.14 18.03
CA ALA A 17 -39.27 4.01 18.49
C ALA A 17 -40.32 4.13 17.38
N ALA A 18 -41.51 4.58 17.74
CA ALA A 18 -42.55 4.87 16.75
C ALA A 18 -42.03 5.85 15.72
N GLU A 19 -42.38 5.63 14.45
CA GLU A 19 -41.93 6.48 13.35
C GLU A 19 -43.10 7.09 12.61
N GLU A 20 -43.05 8.41 12.42
CA GLU A 20 -44.03 9.15 11.63
C GLU A 20 -43.45 9.45 10.24
N SER A 21 -44.24 9.18 9.20
CA SER A 21 -43.88 9.55 7.83
C SER A 21 -44.60 10.82 7.36
N LYS A 22 -45.82 11.04 7.84
CA LYS A 22 -46.67 12.14 7.40
C LYS A 22 -46.42 13.39 8.26
N LEU A 23 -46.49 14.57 7.64
CA LEU A 23 -46.25 15.83 8.33
C LEU A 23 -47.27 16.04 9.46
N PRO A 24 -46.79 16.21 10.70
CA PRO A 24 -47.69 16.56 11.81
C PRO A 24 -48.17 18.01 11.70
N ILE A 25 -49.44 18.23 12.01
CA ILE A 25 -50.05 19.54 11.88
C ILE A 25 -50.51 20.05 13.24
N ASN A 26 -50.26 21.32 13.52
CA ASN A 26 -50.81 21.98 14.70
C ASN A 26 -51.39 23.34 14.30
N ALA A 27 -51.67 24.21 15.28
CA ALA A 27 -52.31 25.49 15.00
C ALA A 27 -51.42 26.50 14.25
N LEU A 28 -50.11 26.24 14.24
CA LEU A 28 -49.12 27.15 13.63
C LEU A 28 -48.73 26.73 12.20
N SER A 29 -49.07 25.50 11.82
CA SER A 29 -48.57 24.89 10.58
C SER A 29 -48.92 25.69 9.32
N ASN A 30 -50.20 26.02 9.18
CA ASN A 30 -50.69 26.67 7.96
C ASN A 30 -50.14 28.07 7.72
N SER A 31 -49.71 28.75 8.79
CA SER A 31 -49.08 30.06 8.64
C SER A 31 -47.74 29.97 7.90
N LEU A 32 -47.07 28.81 7.95
CA LEU A 32 -45.80 28.59 7.25
C LEU A 32 -45.97 27.86 5.92
N LEU A 33 -46.75 26.78 5.91
CA LEU A 33 -46.80 25.85 4.78
C LEU A 33 -48.18 25.21 4.64
N ARG A 34 -48.75 25.26 3.43
CA ARG A 34 -50.10 24.77 3.16
C ARG A 34 -50.14 23.39 2.48
N HIS A 35 -49.20 23.13 1.56
CA HIS A 35 -49.20 21.87 0.83
C HIS A 35 -48.55 20.75 1.67
N HIS A 36 -49.29 20.28 2.66
CA HIS A 36 -48.76 19.35 3.68
C HIS A 36 -48.32 18.00 3.10
N ASN A 37 -49.06 17.48 2.12
CA ASN A 37 -48.75 16.16 1.54
C ASN A 37 -47.43 16.11 0.75
N MET A 38 -46.84 17.27 0.47
CA MET A 38 -45.53 17.33 -0.18
C MET A 38 -44.37 17.08 0.78
N VAL A 39 -44.62 17.18 2.08
CA VAL A 39 -43.59 16.97 3.09
C VAL A 39 -43.73 15.57 3.70
N TYR A 40 -42.62 14.85 3.78
CA TYR A 40 -42.61 13.51 4.38
C TYR A 40 -41.34 13.27 5.17
N ALA A 41 -41.37 12.26 6.04
CA ALA A 41 -40.19 11.79 6.75
C ALA A 41 -39.86 10.36 6.33
N THR A 42 -38.58 10.03 6.26
CA THR A 42 -38.17 8.65 5.95
C THR A 42 -38.32 7.78 7.19
N THR A 43 -38.55 6.48 6.97
CA THR A 43 -38.68 5.52 8.06
C THR A 43 -37.99 4.20 7.70
N SER A 44 -37.95 3.29 8.66
CA SER A 44 -37.36 1.96 8.47
C SER A 44 -38.07 1.12 7.40
N ARG A 45 -39.29 1.49 7.04
CA ARG A 45 -40.04 0.78 5.99
C ARG A 45 -39.38 0.83 4.61
N SER A 46 -38.51 1.82 4.38
CA SER A 46 -37.77 1.93 3.11
C SER A 46 -36.32 1.41 3.18
N ALA A 47 -35.90 0.96 4.37
CA ALA A 47 -34.54 0.45 4.59
C ALA A 47 -34.09 -0.56 3.52
N GLY A 48 -34.98 -1.48 3.17
CA GLY A 48 -34.71 -2.48 2.14
C GLY A 48 -34.33 -1.88 0.79
N GLN A 49 -34.93 -0.75 0.43
CA GLN A 49 -34.62 -0.07 -0.82
C GLN A 49 -33.21 0.55 -0.79
N ARG A 50 -32.85 1.15 0.35
CA ARG A 50 -31.51 1.69 0.54
C ARG A 50 -30.44 0.59 0.55
N GLN A 51 -30.74 -0.53 1.20
CA GLN A 51 -29.82 -1.68 1.25
C GLN A 51 -29.39 -2.10 -0.15
N LYS A 52 -30.35 -2.14 -1.07
CA LYS A 52 -30.07 -2.48 -2.47
C LYS A 52 -29.11 -1.47 -3.11
N LYS A 53 -29.39 -0.18 -2.92
CA LYS A 53 -28.58 0.89 -3.49
C LYS A 53 -27.12 0.89 -2.98
N VAL A 54 -26.94 0.67 -1.68
CA VAL A 54 -25.60 0.76 -1.07
C VAL A 54 -24.80 -0.55 -1.13
N THR A 55 -25.39 -1.62 -1.69
CA THR A 55 -24.72 -2.92 -1.78
C THR A 55 -24.22 -3.17 -3.21
N PHE A 56 -22.90 -3.16 -3.37
CA PHE A 56 -22.27 -3.45 -4.66
C PHE A 56 -20.79 -3.83 -4.53
N ASP A 57 -20.23 -4.35 -5.61
CA ASP A 57 -18.84 -4.78 -5.66
C ASP A 57 -17.94 -3.58 -5.93
N ARG A 58 -16.80 -3.50 -5.24
CA ARG A 58 -15.81 -2.45 -5.49
C ARG A 58 -14.57 -3.05 -6.12
N LEU A 59 -14.10 -2.42 -7.20
CA LEU A 59 -12.81 -2.75 -7.80
C LEU A 59 -11.92 -1.51 -7.68
N GLN A 60 -10.66 -1.72 -7.31
CA GLN A 60 -9.68 -0.64 -7.23
C GLN A 60 -8.43 -0.96 -8.04
N VAL A 61 -7.97 0.04 -8.80
CA VAL A 61 -6.71 -0.03 -9.51
C VAL A 61 -5.91 1.23 -9.19
N LEU A 62 -4.78 1.03 -8.49
CA LEU A 62 -4.01 2.14 -7.96
C LEU A 62 -2.72 2.34 -8.75
N ASP A 63 -2.54 3.55 -9.28
CA ASP A 63 -1.41 3.88 -10.14
C ASP A 63 -0.39 4.77 -9.42
N ASP A 64 0.62 5.22 -10.15
CA ASP A 64 1.69 6.03 -9.55
C ASP A 64 1.19 7.41 -9.07
N HIS A 65 0.27 8.03 -9.80
CA HIS A 65 -0.31 9.30 -9.34
C HIS A 65 -0.91 9.16 -7.93
N TYR A 66 -1.57 8.04 -7.66
CA TYR A 66 -2.17 7.77 -6.35
C TYR A 66 -1.10 7.65 -5.26
N ARG A 67 -0.06 6.86 -5.53
CA ARG A 67 1.00 6.66 -4.55
C ARG A 67 1.83 7.94 -4.33
N ASP A 68 2.07 8.70 -5.40
CA ASP A 68 2.81 9.98 -5.30
C ASP A 68 2.10 10.93 -4.33
N VAL A 69 0.80 11.14 -4.54
CA VAL A 69 0.01 12.03 -3.68
C VAL A 69 0.00 11.53 -2.23
N LEU A 70 -0.17 10.22 -2.05
CA LEU A 70 -0.19 9.61 -0.71
C LEU A 70 1.12 9.88 0.02
N LYS A 71 2.23 9.71 -0.69
CA LYS A 71 3.56 10.00 -0.10
C LYS A 71 3.66 11.46 0.36
N GLU A 72 3.13 12.39 -0.43
CA GLU A 72 3.10 13.81 -0.04
C GLU A 72 2.23 14.05 1.22
N MET A 73 1.05 13.44 1.24
CA MET A 73 0.14 13.57 2.40
C MET A 73 0.80 13.04 3.67
N LYS A 74 1.43 11.86 3.58
CA LYS A 74 2.15 11.27 4.71
C LYS A 74 3.30 12.15 5.22
N ALA A 75 4.01 12.82 4.30
CA ALA A 75 5.10 13.73 4.67
C ALA A 75 4.58 14.90 5.49
N LYS A 76 3.39 15.38 5.17
CA LYS A 76 2.75 16.44 5.94
C LYS A 76 2.21 15.89 7.28
N ALA A 77 1.61 14.70 7.23
CA ALA A 77 1.11 14.06 8.45
C ALA A 77 2.25 13.84 9.46
N SER A 78 3.43 13.54 8.94
CA SER A 78 4.62 13.31 9.77
C SER A 78 5.01 14.51 10.65
N THR A 79 4.50 15.71 10.33
CA THR A 79 4.81 16.91 11.13
C THR A 79 3.83 17.14 12.28
N VAL A 80 2.77 16.34 12.34
CA VAL A 80 1.71 16.55 13.32
C VAL A 80 2.01 15.79 14.62
N LYS A 81 1.82 16.47 15.75
CA LYS A 81 1.90 15.85 17.07
C LYS A 81 0.52 15.88 17.70
N ALA A 82 0.01 14.70 18.07
CA ALA A 82 -1.32 14.60 18.68
C ALA A 82 -1.23 13.94 20.05
N LYS A 83 -2.17 14.29 20.93
CA LYS A 83 -2.19 13.74 22.29
C LYS A 83 -3.39 12.83 22.53
N LEU A 84 -3.26 11.92 23.48
CA LEU A 84 -4.40 11.18 24.02
C LEU A 84 -5.26 12.12 24.87
N LEU A 85 -6.57 12.03 24.73
CA LEU A 85 -7.48 12.67 25.69
C LEU A 85 -7.67 11.73 26.87
N SER A 86 -7.80 12.31 28.07
CA SER A 86 -8.14 11.53 29.26
C SER A 86 -9.59 11.07 29.15
N VAL A 87 -9.97 10.11 29.99
CA VAL A 87 -11.36 9.67 30.05
C VAL A 87 -12.28 10.85 30.33
N GLU A 88 -11.91 11.68 31.31
CA GLU A 88 -12.69 12.86 31.66
C GLU A 88 -12.93 13.80 30.47
N GLU A 89 -11.86 14.12 29.74
CA GLU A 89 -11.97 14.99 28.59
C GLU A 89 -12.85 14.39 27.50
N ALA A 90 -12.68 13.10 27.24
CA ALA A 90 -13.51 12.40 26.25
C ALA A 90 -14.98 12.39 26.65
N CYS A 91 -15.23 12.15 27.94
CA CYS A 91 -16.60 12.18 28.51
C CYS A 91 -17.29 13.52 28.32
N LYS A 92 -16.59 14.62 28.58
CA LYS A 92 -17.16 15.96 28.45
C LYS A 92 -17.55 16.30 27.01
N LEU A 93 -16.95 15.60 26.03
CA LEU A 93 -17.28 15.78 24.62
C LEU A 93 -18.48 14.94 24.16
N THR A 94 -19.04 14.13 25.06
CA THR A 94 -20.19 13.28 24.74
C THR A 94 -21.50 14.09 24.81
N PRO A 95 -22.31 14.07 23.73
CA PRO A 95 -23.59 14.79 23.74
C PRO A 95 -24.56 14.27 24.81
N PRO A 96 -25.30 15.19 25.46
CA PRO A 96 -26.28 14.78 26.48
C PRO A 96 -27.32 13.76 25.99
N HIS A 97 -27.69 13.82 24.72
CA HIS A 97 -28.71 12.92 24.15
C HIS A 97 -28.11 11.86 23.21
N SER A 98 -26.89 11.43 23.51
CA SER A 98 -26.21 10.38 22.75
C SER A 98 -26.76 9.02 23.19
N ALA A 99 -26.90 8.09 22.24
CA ALA A 99 -27.45 6.77 22.51
C ALA A 99 -26.77 6.11 23.71
N LYS A 100 -27.57 5.56 24.62
CA LYS A 100 -27.03 4.92 25.83
C LYS A 100 -26.34 3.60 25.54
N SER A 101 -25.52 3.16 26.48
CA SER A 101 -24.76 1.91 26.36
C SER A 101 -25.66 0.71 26.61
N LYS A 102 -25.30 -0.44 26.02
CA LYS A 102 -25.99 -1.69 26.30
C LYS A 102 -25.62 -2.23 27.68
N TYR A 103 -24.56 -1.69 28.28
CA TYR A 103 -24.04 -2.17 29.55
C TYR A 103 -24.37 -1.28 30.76
N GLY A 104 -25.60 -0.75 30.79
CA GLY A 104 -26.16 -0.16 32.00
C GLY A 104 -25.72 1.24 32.40
N TYR A 105 -25.48 2.10 31.41
CA TYR A 105 -25.21 3.51 31.66
C TYR A 105 -25.50 4.33 30.40
N GLY A 106 -25.79 5.60 30.57
CA GLY A 106 -26.15 6.48 29.46
C GLY A 106 -25.20 7.66 29.31
N ALA A 107 -25.57 8.58 28.40
CA ALA A 107 -24.74 9.73 28.08
C ALA A 107 -24.56 10.68 29.27
N LYS A 108 -25.57 10.81 30.11
CA LYS A 108 -25.49 11.69 31.28
C LYS A 108 -24.60 11.09 32.38
N ASP A 109 -24.56 9.77 32.45
CA ASP A 109 -23.67 9.06 33.37
C ASP A 109 -22.20 9.22 32.93
N VAL A 110 -21.98 9.25 31.62
CA VAL A 110 -20.67 9.52 31.05
C VAL A 110 -20.24 10.94 31.39
N ARG A 111 -21.08 11.91 31.07
CA ARG A 111 -20.80 13.33 31.32
C ARG A 111 -20.53 13.65 32.79
N ASN A 112 -21.24 12.96 33.69
CA ASN A 112 -21.07 13.15 35.14
C ASN A 112 -19.88 12.41 35.73
N LEU A 113 -19.20 11.61 34.91
CA LEU A 113 -18.06 10.79 35.34
C LEU A 113 -18.47 9.79 36.43
N SER A 114 -19.68 9.24 36.31
CA SER A 114 -20.15 8.21 37.25
C SER A 114 -19.20 7.02 37.23
N SER A 115 -18.97 6.41 38.40
CA SER A 115 -18.00 5.34 38.54
C SER A 115 -18.32 4.13 37.64
N ARG A 116 -19.61 3.84 37.44
CA ARG A 116 -20.02 2.71 36.60
C ARG A 116 -19.63 2.91 35.14
N ALA A 117 -19.96 4.10 34.62
CA ALA A 117 -19.62 4.46 33.24
C ALA A 117 -18.10 4.58 33.04
N VAL A 118 -17.42 5.19 34.01
CA VAL A 118 -15.97 5.35 33.96
C VAL A 118 -15.26 4.00 34.00
N ASN A 119 -15.76 3.09 34.84
CA ASN A 119 -15.20 1.74 34.94
C ASN A 119 -15.33 0.95 33.64
N HIS A 120 -16.49 1.03 32.98
CA HIS A 120 -16.68 0.34 31.70
CA HIS A 120 -16.69 0.35 31.70
C HIS A 120 -15.79 0.91 30.61
N ILE A 121 -15.65 2.23 30.57
CA ILE A 121 -14.78 2.89 29.58
C ILE A 121 -13.34 2.40 29.72
N HIS A 122 -12.86 2.33 30.97
CA HIS A 122 -11.52 1.83 31.25
C HIS A 122 -11.33 0.37 30.82
N SER A 123 -12.36 -0.45 30.97
CA SER A 123 -12.29 -1.85 30.53
C SER A 123 -12.35 -2.00 29.01
N VAL A 124 -13.11 -1.13 28.34
CA VAL A 124 -13.14 -1.12 26.87
C VAL A 124 -11.78 -0.70 26.30
N TRP A 125 -11.20 0.36 26.87
CA TRP A 125 -9.86 0.83 26.48
C TRP A 125 -8.80 -0.25 26.66
N LYS A 126 -8.78 -0.88 27.83
CA LYS A 126 -7.85 -1.97 28.11
C LYS A 126 -8.00 -3.08 27.09
N ASP A 127 -9.24 -3.38 26.72
CA ASP A 127 -9.52 -4.42 25.73
C ASP A 127 -8.98 -4.02 24.34
N LEU A 128 -9.14 -2.75 23.96
CA LEU A 128 -8.56 -2.27 22.67
C LEU A 128 -7.03 -2.44 22.65
N LEU A 129 -6.37 -2.17 23.78
CA LEU A 129 -4.91 -2.34 23.88
C LEU A 129 -4.49 -3.81 23.80
N GLU A 130 -5.31 -4.71 24.33
CA GLU A 130 -4.93 -6.11 24.46
C GLU A 130 -5.34 -6.98 23.26
N ASP A 131 -6.29 -6.50 22.46
CA ASP A 131 -6.90 -7.30 21.38
C ASP A 131 -7.00 -6.41 20.13
N THR A 132 -6.32 -6.79 19.06
CA THR A 132 -6.35 -6.04 17.79
C THR A 132 -7.02 -6.82 16.66
N VAL A 133 -7.86 -7.80 16.99
CA VAL A 133 -8.43 -8.71 15.99
C VAL A 133 -9.95 -8.89 16.03
N THR A 134 -10.55 -8.90 17.22
CA THR A 134 -11.97 -9.26 17.34
C THR A 134 -12.88 -8.16 16.83
N PRO A 135 -13.68 -8.45 15.77
CA PRO A 135 -14.59 -7.42 15.27
C PRO A 135 -15.51 -6.86 16.37
N ILE A 136 -15.70 -5.55 16.37
CA ILE A 136 -16.54 -4.87 17.34
C ILE A 136 -17.97 -4.77 16.77
N ASP A 137 -18.95 -5.06 17.61
CA ASP A 137 -20.34 -5.01 17.18
C ASP A 137 -20.77 -3.58 16.84
N THR A 138 -21.69 -3.47 15.89
CA THR A 138 -22.31 -2.19 15.55
C THR A 138 -23.81 -2.35 15.42
N THR A 139 -24.53 -1.27 15.72
CA THR A 139 -25.97 -1.20 15.50
C THR A 139 -26.23 -0.49 14.18
N ILE A 140 -27.17 -1.02 13.40
CA ILE A 140 -27.61 -0.39 12.15
C ILE A 140 -29.06 0.10 12.30
N MET A 141 -29.29 1.36 11.97
CA MET A 141 -30.60 1.99 12.10
C MET A 141 -30.95 2.75 10.83
N ALA A 142 -32.24 2.87 10.55
CA ALA A 142 -32.72 3.79 9.54
C ALA A 142 -32.81 5.19 10.15
N LYS A 143 -32.24 6.17 9.46
CA LYS A 143 -32.38 7.56 9.86
C LYS A 143 -33.78 8.08 9.49
N ASN A 144 -34.37 8.85 10.40
CA ASN A 144 -35.61 9.58 10.12
C ASN A 144 -35.25 11.02 9.77
N GLU A 145 -35.37 11.36 8.49
CA GLU A 145 -35.10 12.72 8.02
C GLU A 145 -36.24 13.21 7.13
N VAL A 146 -36.46 14.53 7.12
CA VAL A 146 -37.59 15.16 6.44
C VAL A 146 -37.21 15.77 5.07
N PHE A 147 -38.06 15.54 4.06
CA PHE A 147 -37.83 16.07 2.71
C PHE A 147 -39.14 16.53 2.05
N CYS A 148 -39.00 17.22 0.92
CA CYS A 148 -40.13 17.51 0.03
C CYS A 148 -40.15 16.47 -1.10
N VAL A 149 -41.34 16.07 -1.54
CA VAL A 149 -41.45 15.07 -2.62
C VAL A 149 -40.76 15.53 -3.91
N GLN A 150 -40.20 14.55 -4.62
CA GLN A 150 -39.44 14.77 -5.87
CA GLN A 150 -39.47 14.78 -5.88
C GLN A 150 -38.64 16.06 -5.84
N ARG A 156 -40.20 9.85 -3.62
CA ARG A 156 -39.69 9.84 -2.25
C ARG A 156 -38.33 9.13 -2.14
N LYS A 157 -37.47 9.65 -1.28
CA LYS A 157 -36.16 9.06 -1.02
C LYS A 157 -36.31 7.96 0.04
N PRO A 158 -35.58 6.85 -0.12
CA PRO A 158 -35.54 5.86 0.97
C PRO A 158 -34.65 6.35 2.12
N ALA A 159 -34.85 5.79 3.31
CA ALA A 159 -34.09 6.21 4.48
C ALA A 159 -32.61 5.97 4.30
N ARG A 160 -31.78 6.88 4.79
CA ARG A 160 -30.35 6.64 4.86
C ARG A 160 -30.11 5.73 6.06
N LEU A 161 -28.97 5.02 6.05
CA LEU A 161 -28.63 4.12 7.15
C LEU A 161 -27.50 4.71 7.99
N ILE A 162 -27.57 4.50 9.31
CA ILE A 162 -26.51 4.87 10.23
C ILE A 162 -25.96 3.60 10.88
N VAL A 163 -24.65 3.54 11.03
CA VAL A 163 -23.96 2.39 11.63
C VAL A 163 -23.00 2.90 12.71
N PHE A 164 -23.20 2.46 13.95
CA PHE A 164 -22.44 2.98 15.08
C PHE A 164 -22.18 1.96 16.18
N PRO A 165 -21.03 2.06 16.86
CA PRO A 165 -20.70 1.18 17.96
C PRO A 165 -21.25 1.69 19.28
N ASP A 166 -21.09 0.89 20.33
CA ASP A 166 -21.60 1.21 21.66
C ASP A 166 -20.96 2.47 22.25
N LEU A 167 -21.68 3.15 23.14
CA LEU A 167 -21.20 4.37 23.81
C LEU A 167 -19.78 4.26 24.38
N GLY A 168 -19.47 3.15 25.03
CA GLY A 168 -18.15 2.94 25.63
C GLY A 168 -17.03 3.00 24.60
N VAL A 169 -17.26 2.39 23.44
CA VAL A 169 -16.34 2.46 22.31
C VAL A 169 -16.24 3.90 21.77
N ARG A 170 -17.38 4.58 21.68
CA ARG A 170 -17.41 5.94 21.16
C ARG A 170 -16.56 6.90 22.00
N VAL A 171 -16.59 6.73 23.32
CA VAL A 171 -15.73 7.50 24.21
C VAL A 171 -14.24 7.16 24.01
N CYS A 172 -13.95 5.87 23.80
CA CYS A 172 -12.58 5.42 23.54
C CYS A 172 -12.02 5.94 22.21
N GLU A 173 -12.88 6.05 21.19
CA GLU A 173 -12.50 6.69 19.93
C GLU A 173 -12.00 8.11 20.18
N LYS A 174 -12.74 8.87 21.00
CA LYS A 174 -12.35 10.24 21.34
C LYS A 174 -10.99 10.28 22.03
N MET A 175 -10.78 9.37 22.98
CA MET A 175 -9.50 9.29 23.69
C MET A 175 -8.35 9.12 22.70
N ALA A 176 -8.50 8.18 21.78
CA ALA A 176 -7.44 7.83 20.83
C ALA A 176 -7.25 8.85 19.70
N LEU A 177 -8.35 9.42 19.20
CA LEU A 177 -8.34 10.08 17.88
C LEU A 177 -8.90 11.50 17.78
N TYR A 178 -9.48 12.03 18.85
CA TYR A 178 -10.13 13.34 18.74
C TYR A 178 -9.13 14.44 18.39
N ASP A 179 -7.97 14.42 19.03
CA ASP A 179 -6.93 15.39 18.74
C ASP A 179 -6.33 15.18 17.33
N VAL A 180 -6.30 13.93 16.88
CA VAL A 180 -5.84 13.61 15.53
C VAL A 180 -6.79 14.17 14.48
N VAL A 181 -8.07 13.78 14.55
CA VAL A 181 -9.05 14.22 13.54
C VAL A 181 -9.28 15.74 13.59
N SER A 182 -8.94 16.37 14.71
CA SER A 182 -9.08 17.83 14.87
C SER A 182 -7.89 18.63 14.32
N THR A 183 -6.72 18.00 14.22
CA THR A 183 -5.48 18.71 13.89
C THR A 183 -4.84 18.29 12.55
N LEU A 184 -4.96 17.01 12.19
CA LEU A 184 -4.25 16.46 11.03
C LEU A 184 -4.75 16.91 9.66
N PRO A 185 -6.08 16.91 9.44
CA PRO A 185 -6.57 17.19 8.09
C PRO A 185 -6.15 18.57 7.53
N GLN A 186 -6.15 19.59 8.37
CA GLN A 186 -5.73 20.94 7.94
C GLN A 186 -4.25 20.99 7.56
N VAL A 187 -3.42 20.28 8.31
CA VAL A 187 -1.99 20.22 8.01
C VAL A 187 -1.75 19.46 6.69
N VAL A 188 -2.44 18.34 6.52
CA VAL A 188 -2.28 17.51 5.32
C VAL A 188 -2.81 18.18 4.06
N MET A 189 -3.99 18.80 4.18
CA MET A 189 -4.71 19.33 3.01
C MET A 189 -4.66 20.86 2.87
N GLY A 190 -4.13 21.55 3.88
CA GLY A 190 -3.97 23.00 3.82
C GLY A 190 -5.29 23.72 3.58
N SER A 191 -5.26 24.72 2.70
CA SER A 191 -6.44 25.54 2.42
C SER A 191 -7.61 24.76 1.78
N SER A 192 -7.33 23.56 1.26
CA SER A 192 -8.34 22.68 0.67
C SER A 192 -9.30 22.02 1.68
N TYR A 193 -8.92 22.04 2.96
CA TYR A 193 -9.76 21.45 4.01
C TYR A 193 -10.90 22.40 4.39
N GLY A 194 -12.11 22.07 3.96
CA GLY A 194 -13.26 22.97 4.06
C GLY A 194 -13.81 23.26 5.44
N PHE A 195 -13.54 22.36 6.38
CA PHE A 195 -14.06 22.45 7.75
C PHE A 195 -13.47 23.61 8.56
N GLN A 196 -12.30 24.11 8.17
CA GLN A 196 -11.62 25.17 8.92
C GLN A 196 -12.28 26.55 8.85
N TYR A 197 -13.05 26.80 7.78
CA TYR A 197 -13.62 28.13 7.53
C TYR A 197 -14.98 28.34 8.18
N SER A 198 -15.20 29.56 8.69
CA SER A 198 -16.56 30.08 8.90
C SER A 198 -17.20 30.26 7.52
N PRO A 199 -18.53 30.43 7.47
CA PRO A 199 -19.16 30.69 6.17
C PRO A 199 -18.56 31.91 5.44
N GLY A 200 -18.28 32.99 6.17
CA GLY A 200 -17.69 34.20 5.59
C GLY A 200 -16.27 34.03 5.10
N GLN A 201 -15.48 33.24 5.81
CA GLN A 201 -14.13 32.91 5.38
C GLN A 201 -14.13 32.02 4.13
N ARG A 202 -15.05 31.07 4.07
CA ARG A 202 -15.15 30.14 2.94
C ARG A 202 -15.53 30.87 1.66
N VAL A 203 -16.51 31.75 1.74
CA VAL A 203 -16.93 32.51 0.57
C VAL A 203 -15.77 33.40 0.08
N GLU A 204 -15.02 33.96 1.02
CA GLU A 204 -13.86 34.79 0.71
CA GLU A 204 -13.86 34.77 0.72
C GLU A 204 -12.76 33.94 0.05
N PHE A 205 -12.54 32.73 0.58
CA PHE A 205 -11.55 31.83 -0.01
C PHE A 205 -11.94 31.47 -1.45
N LEU A 206 -13.22 31.14 -1.65
CA LEU A 206 -13.71 30.73 -2.95
C LEU A 206 -13.58 31.84 -3.99
N VAL A 207 -13.94 33.06 -3.59
CA VAL A 207 -13.86 34.22 -4.47
C VAL A 207 -12.41 34.52 -4.88
N ASN A 208 -11.51 34.53 -3.90
CA ASN A 208 -10.10 34.81 -4.17
C ASN A 208 -9.45 33.70 -4.97
N THR A 209 -9.92 32.46 -4.79
CA THR A 209 -9.46 31.32 -5.58
C THR A 209 -9.88 31.47 -7.04
N TRP A 210 -11.13 31.89 -7.26
CA TRP A 210 -11.65 32.11 -8.61
C TRP A 210 -10.85 33.20 -9.36
N LYS A 211 -10.52 34.27 -8.64
CA LYS A 211 -9.79 35.41 -9.21
C LYS A 211 -8.29 35.15 -9.36
N SER A 212 -7.76 34.17 -8.64
CA SER A 212 -6.34 33.81 -8.75
C SER A 212 -6.00 33.15 -10.10
N LYS A 213 -7.01 32.64 -10.79
CA LYS A 213 -6.81 32.06 -12.13
C LYS A 213 -7.02 33.12 -13.21
N LYS A 214 -6.26 33.02 -14.29
CA LYS A 214 -6.41 33.92 -15.44
C LYS A 214 -7.75 33.67 -16.16
N ASN A 215 -7.97 32.41 -16.57
CA ASN A 215 -9.25 31.99 -17.13
C ASN A 215 -9.81 30.85 -16.28
N PRO A 216 -10.61 31.18 -15.25
CA PRO A 216 -11.05 30.16 -14.31
C PRO A 216 -12.10 29.22 -14.88
N MET A 217 -11.95 27.94 -14.57
CA MET A 217 -13.00 26.93 -14.76
C MET A 217 -13.11 26.17 -13.45
N GLY A 218 -14.31 25.72 -13.12
CA GLY A 218 -14.54 24.95 -11.91
C GLY A 218 -15.63 23.91 -12.08
N PHE A 219 -15.57 22.85 -11.27
CA PHE A 219 -16.61 21.83 -11.28
C PHE A 219 -16.78 21.15 -9.92
N SER A 220 -18.01 20.72 -9.65
CA SER A 220 -18.30 19.87 -8.52
C SER A 220 -18.16 18.43 -8.98
N TYR A 221 -17.79 17.54 -8.06
CA TYR A 221 -17.78 16.11 -8.31
C TYR A 221 -18.41 15.41 -7.11
N ASP A 222 -19.52 14.71 -7.36
CA ASP A 222 -20.24 13.99 -6.30
C ASP A 222 -20.27 12.50 -6.59
N THR A 223 -19.68 11.73 -5.68
CA THR A 223 -19.58 10.29 -5.83
C THR A 223 -20.90 9.67 -5.42
N ARG A 224 -21.27 8.59 -6.09
CA ARG A 224 -22.50 7.87 -5.79
C ARG A 224 -22.28 6.98 -4.56
N CYS A 225 -23.02 7.26 -3.50
N CYS A 225 -23.03 7.24 -3.50
CA CYS A 225 -22.95 6.49 -2.26
CA CYS A 225 -22.94 6.44 -2.27
C CYS A 225 -21.50 6.30 -1.80
C CYS A 225 -21.50 6.30 -1.80
N PHE A 226 -20.86 7.42 -1.48
CA PHE A 226 -19.41 7.43 -1.15
C PHE A 226 -18.98 6.45 -0.06
N ASP A 227 -19.75 6.38 1.02
CA ASP A 227 -19.44 5.49 2.13
C ASP A 227 -19.25 4.03 1.65
N SER A 228 -20.10 3.59 0.71
CA SER A 228 -19.99 2.24 0.18
C SER A 228 -18.81 2.02 -0.76
N THR A 229 -18.30 3.10 -1.35
CA THR A 229 -17.18 3.01 -2.28
C THR A 229 -15.84 2.96 -1.54
N VAL A 230 -15.86 3.23 -0.24
CA VAL A 230 -14.66 3.18 0.58
C VAL A 230 -14.30 1.71 0.86
N THR A 231 -13.10 1.32 0.44
CA THR A 231 -12.65 -0.07 0.54
C THR A 231 -11.78 -0.33 1.79
N GLU A 232 -11.43 -1.59 2.01
CA GLU A 232 -10.50 -1.95 3.11
C GLU A 232 -9.17 -1.25 2.92
N ASN A 233 -8.64 -1.27 1.70
CA ASN A 233 -7.43 -0.54 1.35
C ASN A 233 -7.52 0.92 1.79
N ASP A 234 -8.59 1.60 1.38
CA ASP A 234 -8.77 3.02 1.69
C ASP A 234 -8.63 3.24 3.20
N ILE A 235 -9.36 2.44 3.97
CA ILE A 235 -9.39 2.57 5.42
C ILE A 235 -8.03 2.24 6.07
N ARG A 236 -7.28 1.30 5.49
CA ARG A 236 -5.90 1.02 5.93
C ARG A 236 -4.93 2.13 5.56
N VAL A 237 -5.10 2.72 4.38
CA VAL A 237 -4.27 3.86 3.96
C VAL A 237 -4.51 5.07 4.87
N GLU A 238 -5.77 5.32 5.23
CA GLU A 238 -6.10 6.34 6.24
C GLU A 238 -5.35 6.08 7.56
N GLU A 239 -5.34 4.82 8.01
CA GLU A 239 -4.62 4.50 9.24
C GLU A 239 -3.13 4.80 9.10
N SER A 240 -2.54 4.50 7.94
CA SER A 240 -1.12 4.74 7.73
C SER A 240 -0.81 6.23 7.77
N ILE A 241 -1.78 7.06 7.36
CA ILE A 241 -1.65 8.52 7.50
C ILE A 241 -1.70 8.94 8.98
N TYR A 242 -2.68 8.46 9.74
CA TYR A 242 -2.75 8.78 11.17
C TYR A 242 -1.48 8.37 11.91
N GLN A 243 -0.93 7.20 11.56
CA GLN A 243 0.25 6.66 12.21
C GLN A 243 1.54 7.42 11.88
N CYS A 244 1.52 8.28 10.85
CA CYS A 244 2.64 9.19 10.60
C CYS A 244 2.82 10.24 11.69
N CYS A 245 1.76 10.55 12.43
CA CYS A 245 1.80 11.54 13.50
C CYS A 245 2.74 11.11 14.62
N ASP A 246 3.24 12.09 15.35
CA ASP A 246 3.93 11.87 16.61
C ASP A 246 2.87 11.57 17.65
N LEU A 247 2.77 10.30 18.05
CA LEU A 247 1.74 9.81 18.95
C LEU A 247 2.34 9.08 20.14
N ALA A 248 1.57 9.02 21.24
CA ALA A 248 1.91 8.14 22.36
C ALA A 248 1.75 6.68 21.90
N PRO A 249 2.67 5.79 22.30
CA PRO A 249 2.56 4.37 21.95
C PRO A 249 1.19 3.74 22.27
N GLU A 250 0.57 4.17 23.36
CA GLU A 250 -0.77 3.72 23.74
C GLU A 250 -1.81 4.15 22.70
N ALA A 251 -1.65 5.36 22.16
CA ALA A 251 -2.53 5.86 21.10
C ALA A 251 -2.35 5.07 19.79
N ARG A 252 -1.11 4.77 19.44
CA ARG A 252 -0.82 3.98 18.23
C ARG A 252 -1.51 2.64 18.25
N GLN A 253 -1.44 1.96 19.41
CA GLN A 253 -2.08 0.65 19.57
C GLN A 253 -3.60 0.72 19.49
N ALA A 254 -4.19 1.76 20.09
CA ALA A 254 -5.64 1.95 20.06
C ALA A 254 -6.16 2.25 18.65
N ILE A 255 -5.39 3.03 17.89
CA ILE A 255 -5.74 3.37 16.52
C ILE A 255 -5.63 2.14 15.61
N LYS A 256 -4.58 1.35 15.81
CA LYS A 256 -4.45 0.08 15.07
C LYS A 256 -5.65 -0.81 15.37
N SER A 257 -5.96 -0.98 16.65
CA SER A 257 -7.04 -1.82 17.10
C SER A 257 -8.39 -1.37 16.56
N LEU A 258 -8.70 -0.08 16.68
CA LEU A 258 -9.96 0.46 16.15
C LEU A 258 -10.06 0.26 14.63
N THR A 259 -8.96 0.43 13.92
CA THR A 259 -8.95 0.23 12.48
C THR A 259 -9.29 -1.22 12.13
N GLU A 260 -8.56 -2.17 12.72
CA GLU A 260 -8.74 -3.59 12.41
C GLU A 260 -10.12 -4.12 12.82
N ARG A 261 -10.61 -3.69 13.98
CA ARG A 261 -11.80 -4.25 14.59
C ARG A 261 -13.11 -3.48 14.31
N LEU A 262 -12.99 -2.20 13.94
CA LEU A 262 -14.17 -1.34 13.78
C LEU A 262 -14.21 -0.64 12.41
N TYR A 263 -13.17 0.12 12.08
CA TYR A 263 -13.24 0.98 10.90
C TYR A 263 -13.26 0.23 9.58
N ILE A 264 -12.46 -0.84 9.46
CA ILE A 264 -12.44 -1.64 8.22
C ILE A 264 -13.76 -2.38 7.95
N GLY A 265 -14.44 -2.82 9.01
CA GLY A 265 -15.69 -3.54 8.87
C GLY A 265 -16.12 -4.25 10.13
N GLY A 266 -17.27 -4.92 10.08
CA GLY A 266 -17.78 -5.66 11.23
C GLY A 266 -19.22 -6.12 11.06
N PRO A 267 -19.72 -6.88 12.06
CA PRO A 267 -21.09 -7.36 12.05
C PRO A 267 -22.10 -6.24 12.32
N LEU A 268 -23.28 -6.37 11.73
CA LEU A 268 -24.34 -5.39 11.84
C LEU A 268 -25.50 -6.03 12.60
N THR A 269 -25.95 -5.36 13.66
CA THR A 269 -27.02 -5.85 14.51
C THR A 269 -28.15 -4.81 14.54
N ASN A 270 -29.40 -5.25 14.40
CA ASN A 270 -30.52 -4.31 14.44
C ASN A 270 -30.89 -3.93 15.87
N SER A 271 -31.88 -3.04 16.01
CA SER A 271 -32.30 -2.54 17.33
C SER A 271 -32.86 -3.63 18.25
N LYS A 272 -33.23 -4.77 17.69
CA LYS A 272 -33.81 -5.88 18.46
C LYS A 272 -32.78 -6.96 18.79
N GLY A 273 -31.54 -6.78 18.35
CA GLY A 273 -30.44 -7.69 18.68
C GLY A 273 -30.18 -8.81 17.69
N GLN A 274 -30.80 -8.74 16.52
CA GLN A 274 -30.60 -9.74 15.47
C GLN A 274 -29.46 -9.33 14.54
N ASN A 275 -28.67 -10.30 14.11
CA ASN A 275 -27.62 -10.07 13.10
C ASN A 275 -28.24 -9.80 11.73
N CYS A 276 -27.97 -8.62 11.17
CA CYS A 276 -28.48 -8.23 9.86
C CYS A 276 -27.50 -8.50 8.74
N GLY A 277 -26.21 -8.66 9.07
CA GLY A 277 -25.19 -8.92 8.07
C GLY A 277 -23.81 -8.40 8.45
N TYR A 278 -23.06 -7.99 7.43
CA TYR A 278 -21.66 -7.60 7.62
C TYR A 278 -21.26 -6.46 6.68
N ARG A 279 -20.43 -5.56 7.22
CA ARG A 279 -19.98 -4.33 6.53
C ARG A 279 -18.51 -4.44 6.14
N ARG A 280 -18.19 -4.07 4.89
CA ARG A 280 -16.81 -3.98 4.42
C ARG A 280 -16.53 -2.62 3.79
N CYS A 281 -17.15 -1.58 4.35
CA CYS A 281 -17.01 -0.22 3.86
C CYS A 281 -17.11 0.75 5.02
N ARG A 282 -17.06 2.04 4.73
CA ARG A 282 -17.14 3.07 5.77
C ARG A 282 -18.40 2.96 6.64
N ALA A 283 -18.21 2.94 7.95
CA ALA A 283 -19.30 3.13 8.91
C ALA A 283 -19.60 4.63 9.02
N SER A 284 -20.86 5.01 8.94
CA SER A 284 -21.24 6.43 8.93
C SER A 284 -21.27 7.04 10.32
N GLY A 285 -21.26 6.21 11.37
CA GLY A 285 -21.40 6.69 12.74
C GLY A 285 -20.19 6.44 13.62
N VAL A 286 -19.00 6.60 13.06
CA VAL A 286 -17.76 6.53 13.83
C VAL A 286 -17.04 7.87 13.78
N LEU A 287 -16.15 8.09 14.74
CA LEU A 287 -15.46 9.38 14.90
C LEU A 287 -14.65 9.80 13.67
N THR A 288 -14.09 8.83 12.96
CA THR A 288 -13.22 9.08 11.82
C THR A 288 -13.95 9.18 10.47
N THR A 289 -15.28 9.14 10.49
CA THR A 289 -16.07 9.18 9.25
C THR A 289 -15.75 10.45 8.42
N SER A 290 -15.81 11.61 9.06
CA SER A 290 -15.63 12.88 8.38
C SER A 290 -14.19 13.06 7.92
N CYS A 291 -13.25 12.92 8.85
CA CYS A 291 -11.82 13.00 8.55
C CYS A 291 -11.40 11.98 7.51
N GLY A 292 -11.85 10.73 7.68
CA GLY A 292 -11.54 9.66 6.74
C GLY A 292 -12.04 9.91 5.33
N ASN A 293 -13.32 10.28 5.21
CA ASN A 293 -13.88 10.63 3.90
C ASN A 293 -13.15 11.82 3.25
N THR A 294 -12.80 12.81 4.06
CA THR A 294 -12.13 14.02 3.55
C THR A 294 -10.73 13.68 3.04
N LEU A 295 -9.96 12.93 3.82
CA LEU A 295 -8.64 12.46 3.37
C LEU A 295 -8.72 11.58 2.12
N THR A 296 -9.65 10.64 2.14
CA THR A 296 -9.81 9.69 1.02
C THR A 296 -10.30 10.38 -0.25
N CYS A 297 -11.25 11.30 -0.12
CA CYS A 297 -11.71 12.07 -1.28
C CYS A 297 -10.59 12.95 -1.85
N TYR A 298 -9.85 13.60 -0.96
CA TYR A 298 -8.74 14.47 -1.35
C TYR A 298 -7.63 13.70 -2.06
N LEU A 299 -7.30 12.52 -1.55
CA LEU A 299 -6.26 11.68 -2.14
C LEU A 299 -6.63 11.27 -3.56
N LYS A 300 -7.80 10.65 -3.70
CA LYS A 300 -8.27 10.17 -4.99
C LYS A 300 -8.43 11.29 -6.00
N ALA A 301 -8.99 12.43 -5.57
CA ALA A 301 -9.24 13.57 -6.46
C ALA A 301 -7.96 14.25 -6.91
N SER A 302 -7.00 14.43 -5.98
CA SER A 302 -5.71 15.02 -6.31
C SER A 302 -4.97 14.19 -7.35
N ALA A 303 -4.96 12.88 -7.15
CA ALA A 303 -4.35 11.96 -8.13
C ALA A 303 -5.10 12.03 -9.48
N ALA A 304 -6.42 12.14 -9.44
CA ALA A 304 -7.23 12.26 -10.67
C ALA A 304 -6.99 13.58 -11.42
N CYS A 305 -6.69 14.66 -10.69
CA CYS A 305 -6.29 15.93 -11.34
C CYS A 305 -4.99 15.77 -12.14
N ARG A 306 -4.05 15.01 -11.61
CA ARG A 306 -2.77 14.79 -12.28
C ARG A 306 -2.95 13.97 -13.55
N ALA A 307 -3.78 12.93 -13.46
CA ALA A 307 -4.11 12.10 -14.62
C ALA A 307 -4.76 12.93 -15.73
N ALA A 308 -5.61 13.88 -15.33
CA ALA A 308 -6.33 14.73 -16.28
C ALA A 308 -5.48 15.91 -16.77
N LYS A 309 -4.31 16.10 -16.16
CA LYS A 309 -3.41 17.20 -16.49
C LYS A 309 -4.09 18.57 -16.35
N LEU A 310 -4.86 18.73 -15.26
CA LEU A 310 -5.53 19.99 -15.00
C LEU A 310 -4.52 20.99 -14.44
N GLN A 311 -4.52 22.21 -14.98
CA GLN A 311 -3.48 23.19 -14.67
C GLN A 311 -3.85 24.08 -13.49
N ASP A 312 -2.93 24.22 -12.55
CA ASP A 312 -3.07 25.15 -11.41
C ASP A 312 -4.36 24.89 -10.62
N CYS A 313 -4.55 23.64 -10.22
CA CYS A 313 -5.73 23.23 -9.45
C CYS A 313 -5.72 23.77 -8.03
N THR A 314 -6.89 24.25 -7.60
CA THR A 314 -7.16 24.48 -6.18
C THR A 314 -8.38 23.64 -5.84
N MET A 315 -8.24 22.71 -4.91
CA MET A 315 -9.35 21.85 -4.53
C MET A 315 -9.98 22.31 -3.22
N LEU A 316 -11.27 22.08 -3.08
CA LEU A 316 -11.94 22.26 -1.81
C LEU A 316 -12.74 20.99 -1.51
N VAL A 317 -12.45 20.41 -0.35
CA VAL A 317 -13.01 19.13 0.04
C VAL A 317 -13.62 19.22 1.44
N TYR A 318 -14.84 18.71 1.57
CA TYR A 318 -15.50 18.58 2.86
C TYR A 318 -16.22 17.23 2.84
N GLY A 319 -15.72 16.29 3.64
CA GLY A 319 -16.18 14.90 3.57
C GLY A 319 -16.07 14.38 2.14
N ASP A 320 -17.17 13.88 1.62
CA ASP A 320 -17.20 13.35 0.25
C ASP A 320 -17.58 14.39 -0.80
N ASP A 321 -17.67 15.66 -0.40
CA ASP A 321 -18.02 16.75 -1.33
C ASP A 321 -16.75 17.42 -1.85
N LEU A 322 -16.68 17.58 -3.17
CA LEU A 322 -15.46 18.01 -3.85
C LEU A 322 -15.75 19.09 -4.89
N VAL A 323 -14.96 20.16 -4.85
CA VAL A 323 -14.93 21.15 -5.92
C VAL A 323 -13.48 21.42 -6.31
N VAL A 324 -13.22 21.46 -7.62
CA VAL A 324 -11.93 21.86 -8.16
C VAL A 324 -12.10 23.15 -8.95
N ILE A 325 -11.25 24.13 -8.67
CA ILE A 325 -11.15 25.35 -9.46
C ILE A 325 -9.74 25.36 -10.04
N CYS A 326 -9.65 25.58 -11.35
CA CYS A 326 -8.37 25.50 -12.05
C CYS A 326 -8.28 26.46 -13.23
N GLU A 327 -7.14 26.45 -13.90
CA GLU A 327 -6.89 27.29 -15.08
C GLU A 327 -7.49 26.62 -16.31
N SER A 328 -8.36 27.33 -17.03
CA SER A 328 -8.98 26.79 -18.23
C SER A 328 -7.96 26.63 -19.35
N ALA A 329 -8.05 25.51 -20.06
CA ALA A 329 -7.24 25.27 -21.24
C ALA A 329 -8.07 25.46 -22.51
N GLY A 330 -9.27 26.02 -22.38
CA GLY A 330 -10.24 26.14 -23.47
C GLY A 330 -11.45 25.25 -23.20
N THR A 331 -12.60 25.61 -23.76
CA THR A 331 -13.86 24.93 -23.44
C THR A 331 -13.87 23.44 -23.82
N GLN A 332 -13.42 23.13 -25.05
CA GLN A 332 -13.34 21.73 -25.51
C GLN A 332 -12.29 20.94 -24.74
N GLU A 333 -11.15 21.57 -24.48
CA GLU A 333 -10.05 20.94 -23.77
C GLU A 333 -10.45 20.65 -22.32
N ASP A 334 -11.12 21.61 -21.69
CA ASP A 334 -11.65 21.45 -20.33
C ASP A 334 -12.61 20.27 -20.22
N ALA A 335 -13.54 20.18 -21.18
CA ALA A 335 -14.52 19.09 -21.18
C ALA A 335 -13.86 17.72 -21.36
N ALA A 336 -12.84 17.65 -22.21
CA ALA A 336 -12.07 16.42 -22.40
C ALA A 336 -11.39 16.00 -21.09
N SER A 337 -10.71 16.96 -20.44
CA SER A 337 -9.98 16.67 -19.21
C SER A 337 -10.87 16.20 -18.06
N LEU A 338 -12.13 16.65 -18.02
CA LEU A 338 -13.09 16.17 -17.00
C LEU A 338 -13.47 14.70 -17.17
N ARG A 339 -13.53 14.22 -18.41
CA ARG A 339 -13.79 12.81 -18.68
C ARG A 339 -12.64 11.94 -18.14
N VAL A 340 -11.41 12.37 -18.38
CA VAL A 340 -10.22 11.68 -17.87
C VAL A 340 -10.21 11.65 -16.34
N PHE A 341 -10.60 12.77 -15.73
CA PHE A 341 -10.73 12.88 -14.29
C PHE A 341 -11.69 11.81 -13.75
N THR A 342 -12.89 11.78 -14.31
CA THR A 342 -13.92 10.83 -13.92
C THR A 342 -13.46 9.39 -14.12
N GLU A 343 -12.77 9.12 -15.23
CA GLU A 343 -12.20 7.80 -15.48
C GLU A 343 -11.20 7.41 -14.38
N ALA A 344 -10.33 8.35 -14.01
CA ALA A 344 -9.36 8.12 -12.95
C ALA A 344 -10.07 7.88 -11.62
N MET A 345 -11.01 8.74 -11.27
CA MET A 345 -11.79 8.60 -10.04
C MET A 345 -12.48 7.24 -10.00
N THR A 346 -13.01 6.80 -11.13
CA THR A 346 -13.71 5.53 -11.20
C THR A 346 -12.77 4.35 -10.95
N ARG A 347 -11.57 4.38 -11.52
CA ARG A 347 -10.57 3.34 -11.26
C ARG A 347 -10.19 3.27 -9.79
N TYR A 348 -10.25 4.42 -9.10
CA TYR A 348 -10.01 4.47 -7.66
C TYR A 348 -11.23 4.03 -6.80
N SER A 349 -12.31 3.60 -7.46
CA SER A 349 -13.55 3.09 -6.85
C SER A 349 -14.68 4.12 -6.68
N ALA A 350 -14.42 5.38 -7.05
CA ALA A 350 -15.37 6.48 -6.79
C ALA A 350 -16.01 7.04 -8.07
N PRO A 351 -16.93 6.27 -8.69
CA PRO A 351 -17.59 6.82 -9.88
C PRO A 351 -18.59 7.89 -9.46
N PRO A 352 -18.94 8.78 -10.40
CA PRO A 352 -19.85 9.88 -10.06
C PRO A 352 -21.32 9.47 -10.07
N GLY A 353 -22.16 10.24 -9.37
CA GLY A 353 -23.59 10.13 -9.52
C GLY A 353 -23.97 10.66 -10.89
N ASP A 354 -23.93 11.99 -11.04
CA ASP A 354 -24.03 12.62 -12.35
C ASP A 354 -22.65 13.02 -12.85
N PRO A 355 -22.42 13.00 -14.17
CA PRO A 355 -21.09 13.35 -14.65
C PRO A 355 -20.76 14.82 -14.35
N PRO A 356 -19.48 15.13 -14.09
CA PRO A 356 -19.10 16.50 -13.75
C PRO A 356 -19.22 17.47 -14.94
N GLN A 357 -19.57 18.72 -14.66
CA GLN A 357 -19.76 19.74 -15.68
C GLN A 357 -18.82 20.92 -15.41
N PRO A 358 -18.05 21.35 -16.43
CA PRO A 358 -17.23 22.54 -16.22
C PRO A 358 -18.11 23.80 -16.14
N GLU A 359 -17.78 24.70 -15.23
CA GLU A 359 -18.51 25.96 -15.08
C GLU A 359 -17.55 27.14 -15.24
N TYR A 360 -18.02 28.18 -15.94
CA TYR A 360 -17.22 29.40 -16.16
C TYR A 360 -17.83 30.61 -15.46
N ASP A 361 -18.74 30.33 -14.52
CA ASP A 361 -19.25 31.32 -13.59
C ASP A 361 -19.32 30.66 -12.20
N LEU A 362 -18.61 31.25 -11.24
CA LEU A 362 -18.52 30.71 -9.88
C LEU A 362 -19.89 30.40 -9.25
N GLU A 363 -20.88 31.24 -9.54
CA GLU A 363 -22.21 31.11 -8.96
C GLU A 363 -22.99 29.89 -9.48
N LEU A 364 -22.51 29.25 -10.56
CA LEU A 364 -23.18 28.08 -11.14
C LEU A 364 -22.65 26.74 -10.63
N ILE A 365 -21.68 26.78 -9.72
CA ILE A 365 -21.16 25.56 -9.09
C ILE A 365 -21.95 25.30 -7.80
N THR A 366 -22.57 24.12 -7.71
CA THR A 366 -23.30 23.72 -6.52
C THR A 366 -22.54 22.63 -5.76
N SER A 367 -22.36 22.82 -4.45
CA SER A 367 -21.61 21.87 -3.65
C SER A 367 -22.00 21.97 -2.16
N CYS A 368 -22.09 20.82 -1.50
CA CYS A 368 -22.77 20.71 -0.20
C CYS A 368 -24.15 21.38 -0.29
N SER A 369 -24.83 21.17 -1.42
CA SER A 369 -26.14 21.74 -1.73
C SER A 369 -26.17 23.28 -1.86
N SER A 370 -25.00 23.92 -1.95
CA SER A 370 -24.89 25.37 -1.90
C SER A 370 -24.22 25.98 -3.11
N ASN A 371 -24.49 27.28 -3.32
CA ASN A 371 -23.82 28.05 -4.34
C ASN A 371 -23.55 29.46 -3.84
N VAL A 372 -22.54 30.11 -4.44
CA VAL A 372 -22.25 31.51 -4.17
C VAL A 372 -23.29 32.37 -4.91
N SER A 373 -23.73 33.44 -4.27
CA SER A 373 -24.52 34.46 -4.94
C SER A 373 -24.05 35.83 -4.45
N VAL A 374 -24.66 36.89 -4.96
CA VAL A 374 -24.25 38.25 -4.59
C VAL A 374 -25.45 39.10 -4.19
N ALA A 375 -25.25 39.92 -3.18
CA ALA A 375 -26.20 40.95 -2.78
C ALA A 375 -25.38 42.21 -2.52
N HIS A 376 -26.02 43.23 -1.96
CA HIS A 376 -25.35 44.51 -1.72
C HIS A 376 -25.53 44.94 -0.28
N ASP A 377 -24.48 45.52 0.31
CA ASP A 377 -24.54 45.98 1.70
C ASP A 377 -25.15 47.39 1.75
N ALA A 378 -25.17 48.00 2.94
CA ALA A 378 -25.77 49.32 3.13
C ALA A 378 -25.12 50.39 2.25
N SER A 379 -23.82 50.26 1.99
CA SER A 379 -23.10 51.24 1.15
C SER A 379 -23.30 51.03 -0.35
N GLY A 380 -23.89 49.90 -0.75
CA GLY A 380 -24.10 49.58 -2.16
C GLY A 380 -23.01 48.68 -2.73
N LYS A 381 -22.03 48.32 -1.92
CA LYS A 381 -20.95 47.44 -2.35
C LYS A 381 -21.46 46.02 -2.49
N ARG A 382 -20.91 45.30 -3.47
CA ARG A 382 -21.24 43.90 -3.69
C ARG A 382 -20.68 43.05 -2.56
N VAL A 383 -21.52 42.15 -2.04
CA VAL A 383 -21.13 41.21 -1.01
C VAL A 383 -21.51 39.80 -1.46
N TYR A 384 -20.53 38.91 -1.46
CA TYR A 384 -20.77 37.51 -1.81
C TYR A 384 -21.18 36.73 -0.57
N TYR A 385 -22.04 35.74 -0.76
CA TYR A 385 -22.53 34.92 0.33
C TYR A 385 -22.95 33.56 -0.21
N LEU A 386 -22.99 32.57 0.68
CA LEU A 386 -23.41 31.23 0.32
C LEU A 386 -24.89 31.04 0.62
N THR A 387 -25.62 30.51 -0.36
CA THR A 387 -27.03 30.22 -0.22
C THR A 387 -27.30 28.78 -0.68
N ARG A 388 -28.58 28.41 -0.69
CA ARG A 388 -28.99 27.11 -1.23
C ARG A 388 -30.47 27.17 -1.62
N ASP A 389 -30.92 26.14 -2.32
CA ASP A 389 -32.33 25.96 -2.55
C ASP A 389 -33.00 25.74 -1.19
N PRO A 390 -34.02 26.55 -0.84
CA PRO A 390 -34.59 26.51 0.50
C PRO A 390 -35.67 25.45 0.73
N THR A 391 -35.92 24.57 -0.23
CA THR A 391 -37.00 23.60 -0.15
C THR A 391 -36.89 22.69 1.09
N THR A 392 -35.72 22.09 1.30
CA THR A 392 -35.54 21.16 2.41
C THR A 392 -35.50 21.87 3.78
N PRO A 393 -34.77 22.98 3.89
CA PRO A 393 -34.88 23.77 5.13
C PRO A 393 -36.32 24.11 5.52
N LEU A 394 -37.15 24.47 4.55
CA LEU A 394 -38.54 24.88 4.81
C LEU A 394 -39.45 23.70 5.17
N ALA A 395 -39.31 22.58 4.45
CA ALA A 395 -39.98 21.33 4.82
C ALA A 395 -39.65 20.92 6.25
N ARG A 396 -38.37 20.97 6.61
CA ARG A 396 -37.94 20.64 7.97
C ARG A 396 -38.47 21.65 9.00
N ALA A 397 -38.47 22.94 8.64
CA ALA A 397 -39.07 23.97 9.51
C ALA A 397 -40.54 23.68 9.81
N ALA A 398 -41.29 23.25 8.79
CA ALA A 398 -42.70 22.88 8.95
C ALA A 398 -42.90 21.73 9.94
N TRP A 399 -42.12 20.67 9.81
CA TRP A 399 -42.13 19.55 10.77
C TRP A 399 -41.82 20.04 12.18
N GLU A 400 -40.77 20.84 12.29
CA GLU A 400 -40.30 21.36 13.58
C GLU A 400 -41.26 22.38 14.21
N THR A 401 -42.14 22.96 13.40
CA THR A 401 -43.18 23.84 13.92
C THR A 401 -44.22 23.07 14.76
N ALA A 402 -44.46 21.80 14.42
CA ALA A 402 -45.47 20.98 15.09
C ALA A 402 -44.88 19.89 15.99
N ARG A 403 -43.61 19.55 15.80
CA ARG A 403 -42.93 18.52 16.59
C ARG A 403 -41.60 19.02 17.12
N HIS A 404 -41.34 18.81 18.41
CA HIS A 404 -40.01 19.05 18.97
C HIS A 404 -39.10 17.89 18.56
N THR A 405 -37.94 18.22 18.00
CA THR A 405 -36.99 17.23 17.49
C THR A 405 -35.64 17.31 18.21
N PRO A 406 -34.84 16.22 18.19
CA PRO A 406 -33.51 16.20 18.80
C PRO A 406 -32.58 17.32 18.30
N VAL A 407 -32.60 17.58 17.00
CA VAL A 407 -31.84 18.68 16.41
C VAL A 407 -32.82 19.69 15.81
N ASN A 408 -32.57 20.97 16.05
CA ASN A 408 -33.39 22.04 15.53
C ASN A 408 -32.77 22.59 14.25
N SER A 409 -33.11 21.97 13.11
CA SER A 409 -32.51 22.36 11.84
C SER A 409 -32.75 23.84 11.51
N TRP A 410 -33.92 24.36 11.88
CA TRP A 410 -34.23 25.77 11.63
C TRP A 410 -33.18 26.70 12.26
N LEU A 411 -32.74 26.36 13.46
CA LEU A 411 -31.73 27.15 14.15
C LEU A 411 -30.38 27.04 13.45
N GLY A 412 -30.00 25.81 13.11
CA GLY A 412 -28.79 25.58 12.34
C GLY A 412 -28.79 26.35 11.04
N ASN A 413 -29.93 26.38 10.38
CA ASN A 413 -30.05 27.08 9.10
C ASN A 413 -29.98 28.59 9.24
N ILE A 414 -30.59 29.14 10.28
CA ILE A 414 -30.49 30.58 10.54
C ILE A 414 -29.04 31.00 10.75
N ILE A 415 -28.28 30.20 11.50
CA ILE A 415 -26.89 30.50 11.79
C ILE A 415 -26.01 30.42 10.53
N MET A 416 -26.09 29.31 9.81
CA MET A 416 -25.19 29.06 8.68
C MET A 416 -25.60 29.76 7.38
N TYR A 417 -26.90 30.04 7.23
CA TYR A 417 -27.43 30.77 6.06
C TYR A 417 -28.05 32.13 6.44
N ALA A 418 -27.51 32.74 7.50
CA ALA A 418 -28.01 34.03 8.00
C ALA A 418 -28.11 35.16 6.97
N PRO A 419 -27.18 35.23 6.00
CA PRO A 419 -27.22 36.31 5.01
C PRO A 419 -28.28 36.16 3.91
N THR A 420 -28.87 34.98 3.79
CA THR A 420 -29.81 34.70 2.70
C THR A 420 -31.16 35.37 2.93
N LEU A 421 -31.86 35.67 1.84
CA LEU A 421 -33.14 36.32 1.95
C LEU A 421 -34.22 35.39 2.55
N TRP A 422 -34.08 34.08 2.33
CA TRP A 422 -35.06 33.10 2.85
C TRP A 422 -34.90 32.83 4.35
N ALA A 423 -33.66 32.74 4.83
CA ALA A 423 -33.42 32.55 6.27
C ALA A 423 -33.89 33.78 7.07
N ARG A 424 -33.61 34.97 6.54
CA ARG A 424 -33.93 36.21 7.21
C ARG A 424 -35.43 36.49 7.22
N MET A 425 -36.06 36.37 6.06
CA MET A 425 -37.45 36.77 5.91
C MET A 425 -38.42 35.73 6.46
N ILE A 426 -38.10 34.45 6.32
CA ILE A 426 -39.02 33.37 6.73
C ILE A 426 -38.65 32.71 8.05
N LEU A 427 -37.46 32.10 8.12
CA LEU A 427 -37.08 31.34 9.32
C LEU A 427 -36.96 32.20 10.57
N MET A 428 -36.29 33.35 10.47
CA MET A 428 -36.14 34.24 11.63
C MET A 428 -37.51 34.75 12.08
N THR A 429 -38.34 35.19 11.13
CA THR A 429 -39.64 35.75 11.42
C THR A 429 -40.58 34.74 12.05
N HIS A 430 -40.64 33.55 11.46
CA HIS A 430 -41.53 32.48 11.94
C HIS A 430 -41.15 31.99 13.35
N PHE A 431 -39.89 31.62 13.52
CA PHE A 431 -39.47 31.01 14.78
C PHE A 431 -39.35 32.01 15.94
N PHE A 432 -38.98 33.25 15.68
CA PHE A 432 -38.99 34.27 16.75
C PHE A 432 -40.42 34.58 17.23
N SER A 433 -41.37 34.53 16.31
CA SER A 433 -42.78 34.66 16.66
C SER A 433 -43.20 33.54 17.63
N ILE A 434 -42.85 32.31 17.30
CA ILE A 434 -43.13 31.16 18.16
C ILE A 434 -42.45 31.30 19.52
N LEU A 435 -41.17 31.67 19.51
CA LEU A 435 -40.40 31.84 20.75
C LEU A 435 -40.97 32.95 21.64
N LEU A 436 -41.46 34.01 21.01
CA LEU A 436 -42.10 35.11 21.76
C LEU A 436 -43.36 34.61 22.45
N ALA A 437 -44.19 33.87 21.72
CA ALA A 437 -45.49 33.39 22.24
C ALA A 437 -45.33 32.47 23.45
N GLN A 438 -44.27 31.68 23.46
CA GLN A 438 -44.00 30.72 24.53
C GLN A 438 -42.99 31.25 25.57
N GLU A 439 -42.54 32.49 25.37
CA GLU A 439 -41.50 33.10 26.22
C GLU A 439 -40.30 32.17 26.41
N GLN A 440 -39.78 31.66 25.28
CA GLN A 440 -38.67 30.71 25.29
C GLN A 440 -37.41 31.26 24.59
N LEU A 441 -37.27 32.59 24.56
CA LEU A 441 -36.12 33.22 23.91
C LEU A 441 -34.79 32.85 24.59
N GLU A 442 -34.82 32.69 25.91
CA GLU A 442 -33.62 32.42 26.70
C GLU A 442 -33.29 30.92 26.85
N LYS A 443 -34.17 30.05 26.34
CA LYS A 443 -33.97 28.60 26.47
C LYS A 443 -33.00 28.10 25.41
N ALA A 444 -31.91 27.49 25.86
CA ALA A 444 -30.92 26.91 24.95
C ALA A 444 -31.52 25.74 24.20
N LEU A 445 -31.21 25.65 22.91
CA LEU A 445 -31.70 24.59 22.04
C LEU A 445 -30.53 23.88 21.35
N ASP A 446 -30.69 22.59 21.08
CA ASP A 446 -29.67 21.83 20.36
C ASP A 446 -29.78 22.04 18.86
N CYS A 447 -28.65 22.33 18.23
CA CYS A 447 -28.53 22.28 16.78
C CYS A 447 -27.20 21.64 16.40
N GLN A 448 -27.04 21.32 15.12
CA GLN A 448 -25.89 20.57 14.64
C GLN A 448 -25.14 21.33 13.54
N ILE A 449 -23.88 21.67 13.81
CA ILE A 449 -23.03 22.40 12.87
C ILE A 449 -21.76 21.58 12.57
N TYR A 450 -21.55 21.27 11.30
CA TYR A 450 -20.45 20.40 10.86
C TYR A 450 -20.46 19.07 11.63
N GLY A 451 -21.64 18.52 11.87
CA GLY A 451 -21.79 17.26 12.60
C GLY A 451 -21.62 17.34 14.12
N ALA A 452 -21.31 18.53 14.64
CA ALA A 452 -21.15 18.72 16.07
C ALA A 452 -22.40 19.34 16.67
N CYS A 453 -22.84 18.83 17.81
CA CYS A 453 -24.01 19.37 18.51
C CYS A 453 -23.63 20.57 19.38
N TYR A 454 -24.38 21.65 19.25
CA TYR A 454 -24.17 22.86 20.04
C TYR A 454 -25.46 23.25 20.73
N SER A 455 -25.35 23.68 21.98
CA SER A 455 -26.49 24.23 22.72
C SER A 455 -26.43 25.74 22.65
N ILE A 456 -27.47 26.35 22.10
CA ILE A 456 -27.47 27.77 21.77
C ILE A 456 -28.78 28.44 22.17
N GLU A 457 -28.67 29.57 22.86
CA GLU A 457 -29.82 30.41 23.17
C GLU A 457 -30.13 31.31 21.98
N PRO A 458 -31.39 31.33 21.51
CA PRO A 458 -31.77 32.20 20.40
C PRO A 458 -31.39 33.67 20.58
N LEU A 459 -31.39 34.14 21.83
CA LEU A 459 -31.02 35.52 22.15
C LEU A 459 -29.58 35.86 21.80
N ASP A 460 -28.72 34.85 21.69
CA ASP A 460 -27.31 35.06 21.32
C ASP A 460 -27.06 35.05 19.80
N LEU A 461 -28.12 34.91 19.00
CA LEU A 461 -27.96 34.83 17.55
C LEU A 461 -27.27 36.03 16.89
N PRO A 462 -27.57 37.26 17.36
CA PRO A 462 -26.90 38.42 16.73
C PRO A 462 -25.37 38.35 16.78
N GLN A 463 -24.81 38.07 17.96
CA GLN A 463 -23.36 37.94 18.12
C GLN A 463 -22.79 36.81 17.29
N ILE A 464 -23.50 35.68 17.26
CA ILE A 464 -23.07 34.50 16.51
C ILE A 464 -23.04 34.79 15.01
N ILE A 465 -24.05 35.49 14.52
CA ILE A 465 -24.15 35.83 13.09
C ILE A 465 -23.03 36.80 12.67
N GLU A 466 -22.77 37.83 13.48
CA GLU A 466 -21.73 38.82 13.19
C GLU A 466 -20.35 38.16 13.06
N ARG A 467 -20.03 37.27 14.00
CA ARG A 467 -18.75 36.57 14.00
C ARG A 467 -18.58 35.61 12.81
N LEU A 468 -19.65 34.97 12.38
CA LEU A 468 -19.60 34.00 11.28
C LEU A 468 -19.68 34.66 9.89
N HIS A 469 -20.43 35.75 9.77
CA HIS A 469 -20.71 36.36 8.47
C HIS A 469 -20.32 37.83 8.35
N GLY A 470 -20.02 38.49 9.46
CA GLY A 470 -19.78 39.93 9.48
C GLY A 470 -21.08 40.70 9.70
N LEU A 471 -20.92 41.98 10.04
CA LEU A 471 -22.05 42.87 10.29
C LEU A 471 -22.94 43.05 9.05
N SER A 472 -22.37 42.86 7.87
CA SER A 472 -23.07 43.00 6.59
C SER A 472 -24.27 42.07 6.43
N ALA A 473 -24.27 40.95 7.16
CA ALA A 473 -25.39 40.00 7.13
C ALA A 473 -26.71 40.60 7.61
N PHE A 474 -26.65 41.70 8.36
CA PHE A 474 -27.86 42.38 8.86
C PHE A 474 -28.36 43.52 7.96
N SER A 475 -27.66 43.79 6.86
CA SER A 475 -28.04 44.89 5.98
C SER A 475 -27.97 44.59 4.48
N LEU A 476 -27.87 43.30 4.11
CA LEU A 476 -27.81 42.92 2.69
C LEU A 476 -29.14 43.23 2.01
N HIS A 477 -29.05 43.73 0.77
CA HIS A 477 -30.23 44.00 -0.05
C HIS A 477 -29.89 43.86 -1.54
N SER A 478 -30.84 44.16 -2.41
CA SER A 478 -30.65 43.99 -3.85
C SER A 478 -30.04 42.62 -4.14
N TYR A 479 -30.80 41.58 -3.77
CA TYR A 479 -30.44 40.21 -4.09
C TYR A 479 -30.59 39.99 -5.60
N SER A 480 -29.96 38.95 -6.13
CA SER A 480 -29.98 38.70 -7.57
C SER A 480 -31.36 38.17 -8.03
N PRO A 481 -31.75 38.49 -9.29
CA PRO A 481 -33.02 37.99 -9.84
C PRO A 481 -33.15 36.47 -9.77
N GLY A 482 -32.06 35.76 -10.06
CA GLY A 482 -32.04 34.29 -10.02
C GLY A 482 -32.32 33.73 -8.64
N GLU A 483 -31.74 34.35 -7.61
CA GLU A 483 -31.96 33.92 -6.23
C GLU A 483 -33.37 34.23 -5.76
N ILE A 484 -33.85 35.45 -6.01
CA ILE A 484 -35.21 35.84 -5.66
C ILE A 484 -36.22 34.91 -6.33
N ASN A 485 -36.01 34.63 -7.61
CA ASN A 485 -36.92 33.77 -8.37
C ASN A 485 -36.94 32.33 -7.88
N ARG A 486 -35.79 31.78 -7.50
CA ARG A 486 -35.73 30.44 -6.93
C ARG A 486 -36.49 30.36 -5.61
N VAL A 487 -36.31 31.38 -4.75
CA VAL A 487 -37.02 31.45 -3.48
C VAL A 487 -38.53 31.56 -3.70
N ALA A 488 -38.94 32.51 -4.54
CA ALA A 488 -40.36 32.72 -4.84
C ALA A 488 -41.03 31.45 -5.40
N SER A 489 -40.32 30.76 -6.29
CA SER A 489 -40.83 29.53 -6.89
C SER A 489 -41.00 28.41 -5.87
N CYS A 490 -40.05 28.29 -4.95
N CYS A 490 -40.06 28.28 -4.95
CA CYS A 490 -40.11 27.30 -3.88
CA CYS A 490 -40.15 27.28 -3.89
C CYS A 490 -41.30 27.55 -2.95
C CYS A 490 -41.30 27.54 -2.92
N LEU A 491 -41.58 28.81 -2.64
CA LEU A 491 -42.73 29.18 -1.79
C LEU A 491 -44.07 28.80 -2.44
N ARG A 492 -44.22 29.09 -3.72
CA ARG A 492 -45.42 28.68 -4.46
C ARG A 492 -45.55 27.15 -4.47
N LYS A 493 -44.42 26.46 -4.68
CA LYS A 493 -44.38 24.99 -4.69
C LYS A 493 -44.88 24.37 -3.39
N LEU A 494 -44.41 24.87 -2.24
CA LEU A 494 -44.78 24.32 -0.94
C LEU A 494 -46.07 24.92 -0.35
N GLY A 495 -46.58 25.98 -0.97
CA GLY A 495 -47.71 26.72 -0.41
C GLY A 495 -47.31 27.52 0.82
N VAL A 496 -46.13 28.13 0.75
CA VAL A 496 -45.67 29.06 1.77
C VAL A 496 -46.15 30.45 1.35
N PRO A 497 -46.60 31.28 2.32
CA PRO A 497 -46.99 32.64 1.95
C PRO A 497 -45.84 33.41 1.29
N PRO A 498 -46.17 34.33 0.36
CA PRO A 498 -45.14 35.09 -0.36
C PRO A 498 -44.38 36.08 0.54
N LEU A 499 -43.19 36.48 0.08
CA LEU A 499 -42.29 37.32 0.86
C LEU A 499 -42.92 38.60 1.38
N ARG A 500 -43.85 39.18 0.63
CA ARG A 500 -44.57 40.39 1.07
C ARG A 500 -45.30 40.16 2.39
N VAL A 501 -45.84 38.97 2.59
CA VAL A 501 -46.52 38.63 3.85
C VAL A 501 -45.50 38.53 4.99
N TRP A 502 -44.34 37.95 4.71
CA TRP A 502 -43.31 37.80 5.74
C TRP A 502 -42.73 39.14 6.20
N ARG A 503 -42.63 40.12 5.30
CA ARG A 503 -42.18 41.48 5.69
C ARG A 503 -43.17 42.12 6.65
N HIS A 504 -44.46 41.94 6.37
CA HIS A 504 -45.53 42.43 7.25
C HIS A 504 -45.44 41.79 8.63
N ARG A 505 -45.22 40.47 8.66
CA ARG A 505 -45.09 39.75 9.92
C ARG A 505 -43.83 40.14 10.70
N ALA A 506 -42.74 40.38 9.97
CA ALA A 506 -41.46 40.74 10.59
C ALA A 506 -41.51 42.08 11.31
N ARG A 507 -42.28 43.02 10.77
CA ARG A 507 -42.49 44.30 11.43
C ARG A 507 -43.11 44.09 12.81
N SER A 508 -44.12 43.22 12.88
CA SER A 508 -44.77 42.89 14.14
C SER A 508 -43.83 42.20 15.12
N VAL A 509 -43.14 41.17 14.63
CA VAL A 509 -42.17 40.43 15.43
C VAL A 509 -41.06 41.35 15.93
N ARG A 510 -40.60 42.28 15.08
CA ARG A 510 -39.61 43.28 15.47
C ARG A 510 -40.13 44.18 16.59
N ALA A 511 -41.35 44.72 16.41
CA ALA A 511 -41.97 45.56 17.44
C ALA A 511 -42.07 44.83 18.77
N ARG A 512 -42.45 43.56 18.72
CA ARG A 512 -42.59 42.73 19.93
C ARG A 512 -41.26 42.50 20.63
N LEU A 513 -40.19 42.32 19.86
CA LEU A 513 -38.84 42.12 20.43
C LEU A 513 -38.32 43.40 21.07
N LEU A 514 -38.49 44.53 20.38
CA LEU A 514 -38.09 45.84 20.92
C LEU A 514 -38.79 46.12 22.25
N SER A 515 -40.09 45.81 22.32
CA SER A 515 -40.91 46.00 23.52
C SER A 515 -40.34 45.33 24.77
N GLN A 516 -39.66 44.20 24.61
CA GLN A 516 -39.10 43.46 25.75
C GLN A 516 -37.77 44.02 26.26
N GLY A 517 -37.07 44.81 25.45
CA GLY A 517 -35.78 45.38 25.83
C GLY A 517 -34.67 44.34 25.90
N GLY A 518 -33.54 44.74 26.50
CA GLY A 518 -32.40 43.84 26.70
C GLY A 518 -31.94 43.12 25.44
N ARG A 519 -31.41 41.90 25.62
CA ARG A 519 -30.97 41.06 24.49
C ARG A 519 -32.08 40.81 23.47
N ALA A 520 -33.32 40.78 23.93
CA ALA A 520 -34.47 40.63 23.04
C ALA A 520 -34.51 41.78 22.03
N ALA A 521 -34.42 43.01 22.53
CA ALA A 521 -34.44 44.20 21.68
C ALA A 521 -33.26 44.23 20.71
N THR A 522 -32.12 43.73 21.15
CA THR A 522 -30.95 43.56 20.27
C THR A 522 -31.25 42.63 19.09
N CYS A 523 -31.99 41.54 19.35
CA CYS A 523 -32.46 40.66 18.26
C CYS A 523 -33.41 41.41 17.32
N GLY A 524 -34.32 42.21 17.89
CA GLY A 524 -35.21 43.04 17.10
C GLY A 524 -34.46 44.01 16.19
N LYS A 525 -33.50 44.73 16.77
CA LYS A 525 -32.74 45.76 16.06
C LYS A 525 -31.93 45.19 14.89
N TYR A 526 -31.19 44.11 15.14
CA TYR A 526 -30.22 43.59 14.16
C TYR A 526 -30.82 42.55 13.20
N LEU A 527 -31.54 41.57 13.72
CA LEU A 527 -32.10 40.52 12.86
C LEU A 527 -33.19 41.02 11.94
N PHE A 528 -33.90 42.09 12.32
CA PHE A 528 -35.08 42.54 11.56
C PHE A 528 -35.01 43.97 11.02
N ASN A 529 -33.80 44.53 10.91
CA ASN A 529 -33.63 45.87 10.34
C ASN A 529 -34.08 45.94 8.87
N TRP A 530 -33.94 44.82 8.15
CA TRP A 530 -34.45 44.69 6.78
C TRP A 530 -35.94 44.96 6.64
N ALA A 531 -36.71 44.76 7.72
CA ALA A 531 -38.16 44.87 7.67
C ALA A 531 -38.68 46.31 7.72
N VAL A 532 -37.90 47.24 8.27
CA VAL A 532 -38.36 48.62 8.44
C VAL A 532 -38.00 49.53 7.26
N LYS A 533 -38.86 50.51 6.99
CA LYS A 533 -38.65 51.45 5.88
C LYS A 533 -37.44 52.34 6.14
N THR A 534 -37.40 52.95 7.32
CA THR A 534 -36.28 53.80 7.72
C THR A 534 -35.32 53.04 8.62
N LYS A 535 -34.25 52.50 8.02
CA LYS A 535 -33.29 51.65 8.74
C LYS A 535 -32.48 52.40 9.81
N LEU A 536 -32.12 51.67 10.86
CA LEU A 536 -31.20 52.16 11.89
C LEU A 536 -29.78 51.80 11.44
N LYS A 537 -28.82 52.69 11.70
CA LYS A 537 -27.42 52.42 11.37
C LYS A 537 -26.82 51.46 12.39
N LEU A 538 -26.62 50.21 11.97
CA LEU A 538 -26.16 49.16 12.87
C LEU A 538 -24.66 49.26 13.12
N THR A 539 -24.28 49.36 14.39
CA THR A 539 -22.88 49.36 14.81
C THR A 539 -22.57 47.97 15.35
N PRO A 540 -21.30 47.71 15.75
CA PRO A 540 -21.00 46.42 16.36
C PRO A 540 -21.70 46.19 17.70
N ILE A 541 -21.80 44.92 18.09
CA ILE A 541 -22.44 44.49 19.33
C ILE A 541 -21.36 44.13 20.37
N PRO A 542 -21.44 44.70 21.58
CA PRO A 542 -20.38 44.45 22.58
C PRO A 542 -20.37 43.00 23.09
N TYR A 557 -17.02 16.29 12.11
CA TYR A 557 -17.37 15.22 13.04
C TYR A 557 -18.73 14.58 12.71
N SER A 558 -19.09 14.59 11.41
CA SER A 558 -20.36 14.03 10.96
C SER A 558 -20.54 12.58 11.41
N GLY A 559 -21.54 12.34 12.25
CA GLY A 559 -21.78 11.04 12.88
C GLY A 559 -20.76 10.69 13.95
N GLY A 560 -19.99 11.68 14.41
CA GLY A 560 -18.88 11.44 15.33
C GLY A 560 -19.22 11.52 16.80
N ASP A 561 -20.47 11.85 17.12
CA ASP A 561 -20.93 11.92 18.50
C ASP A 561 -20.14 12.98 19.29
N ILE A 562 -20.16 14.22 18.81
CA ILE A 562 -19.37 15.32 19.41
C ILE A 562 -20.26 16.47 19.91
N TYR A 563 -19.89 17.04 21.06
CA TYR A 563 -20.67 18.08 21.72
C TYR A 563 -19.81 19.24 22.20
N HIS A 564 -20.34 20.47 22.09
CA HIS A 564 -19.68 21.69 22.59
C HIS A 564 -20.67 22.71 23.16
N SER A 565 -20.24 23.46 24.18
CA SER A 565 -21.06 24.51 24.78
C SER A 565 -21.30 25.67 23.82
N SER B 3 9.23 6.85 -12.57
CA SER B 3 10.46 6.72 -11.76
C SER B 3 11.53 6.00 -12.57
N MET B 4 12.67 6.66 -12.80
CA MET B 4 13.79 6.07 -13.53
C MET B 4 14.57 5.13 -12.62
N SER B 5 14.91 3.96 -13.11
CA SER B 5 15.66 2.99 -12.33
C SER B 5 16.97 3.57 -11.83
N TYR B 6 17.64 4.34 -12.71
CA TYR B 6 18.87 5.04 -12.38
C TYR B 6 18.93 6.44 -12.99
N THR B 7 19.72 7.32 -12.36
CA THR B 7 20.17 8.57 -12.98
C THR B 7 21.70 8.57 -12.94
N TRP B 8 22.33 9.08 -13.99
CA TRP B 8 23.80 9.03 -14.11
C TRP B 8 24.42 10.42 -14.28
N THR B 9 25.64 10.58 -13.76
CA THR B 9 26.39 11.84 -13.87
C THR B 9 27.34 11.86 -15.08
N GLY B 10 27.78 10.69 -15.51
CA GLY B 10 28.78 10.59 -16.56
C GLY B 10 30.11 10.07 -16.06
N ALA B 11 30.32 10.07 -14.75
CA ALA B 11 31.52 9.48 -14.18
C ALA B 11 31.53 7.99 -14.51
N LEU B 12 32.70 7.47 -14.84
CA LEU B 12 32.83 6.07 -15.26
C LEU B 12 32.71 5.14 -14.07
N ILE B 13 32.23 3.93 -14.34
CA ILE B 13 32.31 2.84 -13.40
C ILE B 13 33.69 2.23 -13.57
N THR B 14 34.53 2.41 -12.55
CA THR B 14 35.94 2.10 -12.61
C THR B 14 36.26 0.77 -11.94
N PRO B 15 37.38 0.13 -12.34
CA PRO B 15 37.80 -1.11 -11.69
C PRO B 15 38.62 -0.85 -10.43
N CYS B 16 38.78 -1.87 -9.60
CA CYS B 16 39.65 -1.78 -8.42
C CYS B 16 40.92 -2.63 -8.57
N ALA B 17 41.08 -3.25 -9.75
CA ALA B 17 42.22 -4.11 -10.01
C ALA B 17 42.41 -4.29 -11.51
N ALA B 18 43.52 -4.91 -11.88
CA ALA B 18 43.80 -5.23 -13.28
C ALA B 18 42.76 -6.23 -13.77
N GLU B 19 42.15 -5.93 -14.91
CA GLU B 19 41.12 -6.79 -15.49
C GLU B 19 41.61 -7.48 -16.75
N GLU B 20 41.33 -8.78 -16.86
CA GLU B 20 41.63 -9.58 -18.04
C GLU B 20 40.34 -9.98 -18.73
N SER B 21 40.29 -9.82 -20.05
CA SER B 21 39.15 -10.26 -20.85
C SER B 21 39.44 -11.55 -21.62
N LYS B 22 40.64 -11.64 -22.19
CA LYS B 22 41.06 -12.80 -22.99
C LYS B 22 41.43 -13.99 -22.09
N LEU B 23 41.07 -15.19 -22.53
CA LEU B 23 41.36 -16.42 -21.77
C LEU B 23 42.87 -16.60 -21.52
N PRO B 24 43.27 -16.68 -20.23
CA PRO B 24 44.65 -17.01 -19.92
C PRO B 24 45.00 -18.46 -20.28
N ILE B 25 46.19 -18.67 -20.82
CA ILE B 25 46.62 -20.00 -21.25
C ILE B 25 47.83 -20.45 -20.43
N ASN B 26 47.83 -21.70 -20.00
CA ASN B 26 49.02 -22.30 -19.38
C ASN B 26 49.26 -23.70 -19.95
N ALA B 27 50.14 -24.49 -19.31
CA ALA B 27 50.50 -25.81 -19.83
C ALA B 27 49.32 -26.81 -19.84
N LEU B 28 48.30 -26.54 -19.04
CA LEU B 28 47.15 -27.44 -18.86
C LEU B 28 45.93 -27.11 -19.75
N SER B 29 45.94 -25.92 -20.34
CA SER B 29 44.75 -25.38 -21.02
C SER B 29 44.23 -26.24 -22.17
N ASN B 30 45.14 -26.63 -23.06
CA ASN B 30 44.76 -27.38 -24.26
C ASN B 30 44.24 -28.79 -23.98
N SER B 31 44.53 -29.33 -22.80
CA SER B 31 43.98 -30.63 -22.41
C SER B 31 42.47 -30.54 -22.14
N LEU B 32 41.99 -29.35 -21.76
CA LEU B 32 40.55 -29.13 -21.54
C LEU B 32 39.84 -28.50 -22.74
N LEU B 33 40.41 -27.43 -23.29
CA LEU B 33 39.70 -26.59 -24.26
C LEU B 33 40.69 -25.98 -25.25
N ARG B 34 40.40 -26.12 -26.55
CA ARG B 34 41.31 -25.65 -27.61
C ARG B 34 40.87 -24.34 -28.28
N HIS B 35 39.56 -24.13 -28.41
CA HIS B 35 39.05 -22.91 -29.06
C HIS B 35 39.04 -21.76 -28.06
N HIS B 36 40.23 -21.24 -27.76
CA HIS B 36 40.40 -20.26 -26.70
C HIS B 36 39.68 -18.94 -26.97
N ASN B 37 39.66 -18.50 -28.24
CA ASN B 37 39.07 -17.20 -28.58
C ASN B 37 37.55 -17.12 -28.40
N MET B 38 36.91 -18.27 -28.21
CA MET B 38 35.48 -18.32 -27.90
C MET B 38 35.18 -17.98 -26.43
N VAL B 39 36.17 -18.09 -25.56
CA VAL B 39 36.00 -17.82 -24.13
C VAL B 39 36.49 -16.42 -23.79
N TYR B 40 35.66 -15.65 -23.06
CA TYR B 40 36.03 -14.31 -22.64
C TYR B 40 35.53 -13.99 -21.24
N ALA B 41 36.11 -12.97 -20.62
CA ALA B 41 35.61 -12.43 -19.37
C ALA B 41 35.10 -11.00 -19.56
N THR B 42 34.05 -10.64 -18.84
CA THR B 42 33.53 -9.27 -18.87
C THR B 42 34.41 -8.37 -18.03
N THR B 43 34.52 -7.10 -18.43
CA THR B 43 35.28 -6.11 -17.67
C THR B 43 34.49 -4.82 -17.54
N SER B 44 35.02 -3.88 -16.76
CA SER B 44 34.44 -2.54 -16.60
C SER B 44 34.35 -1.75 -17.90
N ARG B 45 35.13 -2.13 -18.91
N ARG B 45 35.14 -2.15 -18.90
CA ARG B 45 35.06 -1.49 -20.22
CA ARG B 45 35.09 -1.58 -20.24
C ARG B 45 33.66 -1.56 -20.83
C ARG B 45 33.68 -1.57 -20.83
N SER B 46 32.88 -2.59 -20.49
CA SER B 46 31.50 -2.71 -20.96
C SER B 46 30.42 -2.21 -19.97
N ALA B 47 30.85 -1.70 -18.81
CA ALA B 47 29.92 -1.16 -17.81
C ALA B 47 28.93 -0.16 -18.44
N GLY B 48 29.43 0.74 -19.28
CA GLY B 48 28.60 1.72 -19.99
C GLY B 48 27.46 1.13 -20.79
N GLN B 49 27.72 0.00 -21.44
CA GLN B 49 26.71 -0.71 -22.21
C GLN B 49 25.59 -1.25 -21.29
N ARG B 50 25.98 -1.82 -20.16
CA ARG B 50 25.01 -2.32 -19.18
C ARG B 50 24.18 -1.17 -18.58
N GLN B 51 24.82 -0.05 -18.30
CA GLN B 51 24.13 1.12 -17.74
C GLN B 51 22.92 1.51 -18.58
N LYS B 52 23.06 1.45 -19.90
CA LYS B 52 21.96 1.77 -20.82
C LYS B 52 20.82 0.77 -20.70
N LYS B 53 21.16 -0.53 -20.67
CA LYS B 53 20.14 -1.59 -20.58
C LYS B 53 19.31 -1.52 -19.30
N VAL B 54 19.95 -1.22 -18.17
CA VAL B 54 19.28 -1.24 -16.86
C VAL B 54 18.58 0.08 -16.50
N THR B 55 18.66 1.08 -17.39
CA THR B 55 18.08 2.40 -17.13
C THR B 55 16.78 2.59 -17.89
N PHE B 56 15.66 2.61 -17.17
CA PHE B 56 14.35 2.86 -17.78
C PHE B 56 13.32 3.33 -16.76
N ASP B 57 12.21 3.88 -17.27
CA ASP B 57 11.11 4.35 -16.45
C ASP B 57 10.29 3.14 -16.00
N ARG B 58 9.86 3.12 -14.73
CA ARG B 58 8.94 2.09 -14.25
C ARG B 58 7.56 2.68 -13.97
N LEU B 59 6.54 2.01 -14.48
CA LEU B 59 5.14 2.35 -14.17
C LEU B 59 4.51 1.14 -13.48
N GLN B 60 3.72 1.37 -12.43
CA GLN B 60 3.02 0.31 -11.72
C GLN B 60 1.54 0.60 -11.57
N VAL B 61 0.73 -0.42 -11.89
CA VAL B 61 -0.70 -0.39 -11.72
C VAL B 61 -1.06 -1.61 -10.88
N LEU B 62 -1.49 -1.37 -9.64
CA LEU B 62 -1.72 -2.45 -8.68
C LEU B 62 -3.22 -2.66 -8.47
N ASP B 63 -3.65 -3.91 -8.64
CA ASP B 63 -5.07 -4.27 -8.60
C ASP B 63 -5.43 -5.08 -7.35
N ASP B 64 -6.67 -5.55 -7.29
CA ASP B 64 -7.12 -6.30 -6.12
C ASP B 64 -6.42 -7.66 -6.01
N HIS B 65 -6.13 -8.31 -7.14
CA HIS B 65 -5.39 -9.57 -7.10
C HIS B 65 -4.07 -9.40 -6.34
N TYR B 66 -3.36 -8.33 -6.66
CA TYR B 66 -2.10 -7.98 -6.00
C TYR B 66 -2.29 -7.80 -4.50
N ARG B 67 -3.28 -7.02 -4.10
CA ARG B 67 -3.50 -6.76 -2.67
C ARG B 67 -4.01 -7.98 -1.91
N ASP B 68 -4.80 -8.84 -2.57
CA ASP B 68 -5.27 -10.09 -1.96
C ASP B 68 -4.11 -11.03 -1.58
N VAL B 69 -3.19 -11.22 -2.52
CA VAL B 69 -2.04 -12.09 -2.29
C VAL B 69 -1.15 -11.51 -1.20
N LEU B 70 -0.93 -10.20 -1.23
CA LEU B 70 -0.12 -9.52 -0.23
C LEU B 70 -0.68 -9.76 1.18
N LYS B 71 -1.99 -9.58 1.34
CA LYS B 71 -2.64 -9.84 2.63
C LYS B 71 -2.39 -11.29 3.10
N GLU B 72 -2.49 -12.25 2.18
CA GLU B 72 -2.21 -13.65 2.51
C GLU B 72 -0.78 -13.84 2.97
N MET B 73 0.17 -13.25 2.25
CA MET B 73 1.59 -13.33 2.60
C MET B 73 1.88 -12.74 3.97
N LYS B 74 1.29 -11.58 4.27
CA LYS B 74 1.45 -10.92 5.57
C LYS B 74 0.88 -11.76 6.72
N ALA B 75 -0.26 -12.43 6.48
CA ALA B 75 -0.85 -13.34 7.45
C ALA B 75 0.15 -14.42 7.89
N LYS B 76 0.86 -14.99 6.91
CA LYS B 76 1.87 -16.01 7.19
C LYS B 76 3.10 -15.39 7.87
N ALA B 77 3.51 -14.21 7.40
CA ALA B 77 4.66 -13.50 7.96
C ALA B 77 4.48 -13.19 9.45
N SER B 78 3.24 -12.91 9.86
N SER B 78 3.24 -12.91 9.86
CA SER B 78 2.92 -12.58 11.24
CA SER B 78 2.93 -12.58 11.25
C SER B 78 3.13 -13.73 12.23
C SER B 78 3.11 -13.73 12.23
N THR B 79 3.32 -14.95 11.73
CA THR B 79 3.59 -16.11 12.60
C THR B 79 5.08 -16.30 12.86
N VAL B 80 5.92 -15.55 12.14
CA VAL B 80 7.37 -15.69 12.24
C VAL B 80 7.92 -14.88 13.41
N LYS B 81 8.78 -15.52 14.21
CA LYS B 81 9.56 -14.83 15.24
C LYS B 81 11.01 -14.86 14.82
N ALA B 82 11.67 -13.70 14.86
CA ALA B 82 13.06 -13.58 14.45
C ALA B 82 13.87 -12.87 15.54
N LYS B 83 15.10 -13.33 15.73
CA LYS B 83 15.98 -12.74 16.71
C LYS B 83 16.96 -11.76 16.09
N LEU B 84 17.42 -10.85 16.92
CA LEU B 84 18.51 -9.94 16.62
C LEU B 84 19.82 -10.72 16.79
N LEU B 85 20.74 -10.57 15.84
CA LEU B 85 22.09 -11.14 15.99
C LEU B 85 22.99 -10.17 16.75
N SER B 86 23.89 -10.72 17.56
CA SER B 86 24.92 -9.92 18.20
C SER B 86 25.95 -9.50 17.15
N VAL B 87 26.71 -8.44 17.47
CA VAL B 87 27.79 -7.99 16.59
C VAL B 87 28.71 -9.15 16.24
N GLU B 88 29.03 -9.97 17.24
CA GLU B 88 29.99 -11.07 17.09
C GLU B 88 29.46 -12.16 16.16
N GLU B 89 28.21 -12.54 16.35
CA GLU B 89 27.55 -13.51 15.46
C GLU B 89 27.54 -13.01 14.01
N ALA B 90 27.22 -11.74 13.82
CA ALA B 90 27.20 -11.13 12.49
C ALA B 90 28.59 -11.11 11.88
N CYS B 91 29.61 -10.81 12.68
CA CYS B 91 31.01 -10.83 12.24
C CYS B 91 31.41 -12.21 11.72
N LYS B 92 31.02 -13.26 12.43
CA LYS B 92 31.41 -14.61 12.06
C LYS B 92 30.72 -15.12 10.78
N LEU B 93 29.67 -14.43 10.34
CA LEU B 93 29.02 -14.75 9.07
C LEU B 93 29.62 -14.00 7.87
N THR B 94 30.66 -13.21 8.12
CA THR B 94 31.30 -12.42 7.06
C THR B 94 32.38 -13.23 6.34
N PRO B 95 32.33 -13.26 4.98
CA PRO B 95 33.36 -13.96 4.21
C PRO B 95 34.77 -13.37 4.37
N PRO B 96 35.80 -14.23 4.42
CA PRO B 96 37.20 -13.77 4.59
C PRO B 96 37.73 -12.83 3.49
N HIS B 97 37.18 -12.92 2.29
CA HIS B 97 37.62 -12.06 1.17
C HIS B 97 36.55 -11.02 0.76
N SER B 98 35.70 -10.64 1.71
CA SER B 98 34.70 -9.60 1.51
C SER B 98 35.39 -8.24 1.48
N ALA B 99 34.89 -7.33 0.65
CA ALA B 99 35.52 -6.01 0.47
C ALA B 99 35.73 -5.29 1.80
N LYS B 100 36.92 -4.70 1.97
CA LYS B 100 37.28 -4.03 3.22
C LYS B 100 36.52 -2.71 3.39
N SER B 101 36.45 -2.24 4.63
CA SER B 101 35.77 -0.99 4.94
C SER B 101 36.57 0.22 4.48
N LYS B 102 35.89 1.33 4.23
CA LYS B 102 36.55 2.61 3.96
C LYS B 102 37.23 3.15 5.23
N TYR B 103 36.83 2.65 6.40
CA TYR B 103 37.27 3.20 7.68
C TYR B 103 38.32 2.35 8.41
N GLY B 104 39.27 1.79 7.66
CA GLY B 104 40.49 1.24 8.24
C GLY B 104 40.44 -0.15 8.86
N TYR B 105 39.67 -1.05 8.25
CA TYR B 105 39.64 -2.46 8.66
C TYR B 105 39.01 -3.31 7.55
N GLY B 106 39.31 -4.61 7.57
CA GLY B 106 38.84 -5.55 6.56
C GLY B 106 38.07 -6.72 7.14
N ALA B 107 37.77 -7.69 6.28
CA ALA B 107 36.95 -8.84 6.64
C ALA B 107 37.59 -9.71 7.73
N LYS B 108 38.90 -9.92 7.63
CA LYS B 108 39.62 -10.73 8.62
C LYS B 108 39.66 -10.03 9.99
N ASP B 109 39.68 -8.70 9.99
CA ASP B 109 39.55 -7.92 11.22
C ASP B 109 38.16 -8.11 11.82
N VAL B 110 37.14 -8.13 10.97
CA VAL B 110 35.76 -8.40 11.39
C VAL B 110 35.65 -9.82 11.93
N ARG B 111 36.14 -10.79 11.16
CA ARG B 111 36.11 -12.21 11.56
C ARG B 111 36.83 -12.49 12.89
N ASN B 112 37.90 -11.76 13.16
CA ASN B 112 38.68 -11.93 14.40
C ASN B 112 38.19 -11.06 15.55
N LEU B 113 37.13 -10.30 15.32
CA LEU B 113 36.52 -9.44 16.34
C LEU B 113 37.48 -8.38 16.87
N SER B 114 38.36 -7.87 16.00
CA SER B 114 39.33 -6.84 16.40
C SER B 114 38.60 -5.60 16.90
N SER B 115 39.19 -4.96 17.91
CA SER B 115 38.59 -3.80 18.59
C SER B 115 38.15 -2.69 17.62
N ARG B 116 39.03 -2.34 16.70
CA ARG B 116 38.74 -1.25 15.74
C ARG B 116 37.52 -1.57 14.89
N ALA B 117 37.42 -2.81 14.44
CA ALA B 117 36.31 -3.25 13.60
C ALA B 117 35.00 -3.27 14.38
N VAL B 118 35.03 -3.85 15.58
CA VAL B 118 33.84 -3.97 16.42
C VAL B 118 33.34 -2.60 16.89
N ASN B 119 34.26 -1.70 17.21
CA ASN B 119 33.91 -0.34 17.63
C ASN B 119 33.17 0.42 16.52
N HIS B 120 33.63 0.28 15.27
CA HIS B 120 32.97 0.98 14.17
C HIS B 120 31.58 0.42 13.87
N ILE B 121 31.44 -0.90 13.93
CA ILE B 121 30.14 -1.55 13.71
C ILE B 121 29.11 -1.05 14.72
N HIS B 122 29.51 -0.93 15.99
CA HIS B 122 28.63 -0.38 17.03
C HIS B 122 28.17 1.05 16.71
N SER B 123 29.10 1.88 16.22
CA SER B 123 28.76 3.25 15.84
C SER B 123 27.84 3.30 14.63
N VAL B 124 28.01 2.34 13.71
CA VAL B 124 27.09 2.23 12.55
C VAL B 124 25.69 1.84 13.00
N TRP B 125 25.60 0.86 13.90
CA TRP B 125 24.31 0.41 14.47
C TRP B 125 23.60 1.55 15.18
N LYS B 126 24.32 2.26 16.06
CA LYS B 126 23.74 3.40 16.78
C LYS B 126 23.22 4.47 15.81
N ASP B 127 23.92 4.68 14.71
CA ASP B 127 23.48 5.64 13.69
C ASP B 127 22.20 5.18 13.00
N LEU B 128 22.11 3.90 12.66
CA LEU B 128 20.88 3.35 12.08
C LEU B 128 19.68 3.58 13.00
N LEU B 129 19.87 3.34 14.30
CA LEU B 129 18.79 3.56 15.28
C LEU B 129 18.38 5.03 15.40
N GLU B 130 19.34 5.95 15.30
CA GLU B 130 19.08 7.38 15.54
C GLU B 130 18.67 8.18 14.30
N ASP B 131 19.05 7.69 13.10
CA ASP B 131 18.81 8.38 11.84
C ASP B 131 18.06 7.43 10.91
N THR B 132 16.86 7.83 10.47
CA THR B 132 16.05 7.03 9.54
C THR B 132 15.83 7.71 8.18
N VAL B 133 16.67 8.69 7.85
CA VAL B 133 16.46 9.49 6.62
C VAL B 133 17.68 9.61 5.69
N THR B 134 18.90 9.69 6.24
CA THR B 134 20.07 10.01 5.39
C THR B 134 20.48 8.86 4.47
N PRO B 135 20.43 9.07 3.14
CA PRO B 135 20.86 8.00 2.24
C PRO B 135 22.25 7.47 2.57
N ILE B 136 22.40 6.15 2.53
CA ILE B 136 23.68 5.50 2.82
C ILE B 136 24.46 5.33 1.51
N ASP B 137 25.75 5.62 1.53
CA ASP B 137 26.56 5.53 0.31
C ASP B 137 26.70 4.07 -0.13
N THR B 138 26.79 3.89 -1.45
CA THR B 138 27.07 2.58 -2.02
C THR B 138 28.19 2.68 -3.06
N THR B 139 28.92 1.59 -3.23
CA THR B 139 29.92 1.47 -4.29
C THR B 139 29.30 0.71 -5.46
N ILE B 140 29.54 1.18 -6.68
CA ILE B 140 29.11 0.46 -7.88
C ILE B 140 30.32 -0.08 -8.66
N MET B 141 30.30 -1.39 -8.94
CA MET B 141 31.41 -2.07 -9.60
C MET B 141 30.90 -2.96 -10.73
N ALA B 142 31.74 -3.18 -11.72
CA ALA B 142 31.46 -4.15 -12.78
C ALA B 142 31.97 -5.52 -12.35
N LYS B 143 31.10 -6.53 -12.46
CA LYS B 143 31.50 -7.89 -12.16
C LYS B 143 32.40 -8.43 -13.27
N ASN B 144 33.31 -9.31 -12.88
CA ASN B 144 34.15 -10.04 -13.82
C ASN B 144 33.68 -11.48 -13.84
N GLU B 145 32.99 -11.87 -14.91
CA GLU B 145 32.49 -13.23 -15.07
C GLU B 145 32.83 -13.75 -16.46
N VAL B 146 33.05 -15.06 -16.55
CA VAL B 146 33.48 -15.71 -17.78
C VAL B 146 32.31 -16.35 -18.54
N PHE B 147 32.30 -16.18 -19.86
CA PHE B 147 31.27 -16.76 -20.74
C PHE B 147 31.89 -17.30 -22.04
N CYS B 148 31.08 -18.02 -22.82
CA CYS B 148 31.41 -18.39 -24.19
C CYS B 148 30.65 -17.47 -25.15
N VAL B 149 31.26 -17.12 -26.28
CA VAL B 149 30.59 -16.27 -27.29
C VAL B 149 29.36 -16.98 -27.86
N GLN B 150 28.34 -16.18 -28.22
CA GLN B 150 27.10 -16.70 -28.80
C GLN B 150 27.00 -16.38 -30.29
N PRO B 151 25.96 -16.92 -30.94
CA PRO B 151 25.73 -16.66 -32.37
C PRO B 151 25.11 -15.29 -32.59
N ARG B 156 29.16 -10.54 -27.47
CA ARG B 156 29.55 -10.68 -26.07
C ARG B 156 28.58 -9.94 -25.14
N LYS B 157 28.32 -10.53 -23.99
CA LYS B 157 27.48 -9.90 -22.96
C LYS B 157 28.28 -8.78 -22.28
N PRO B 158 27.62 -7.66 -21.94
CA PRO B 158 28.28 -6.63 -21.12
C PRO B 158 28.36 -7.05 -19.65
N ALA B 159 29.27 -6.43 -18.90
CA ALA B 159 29.45 -6.75 -17.49
C ALA B 159 28.19 -6.48 -16.68
N ARG B 160 27.89 -7.37 -15.74
CA ARG B 160 26.83 -7.11 -14.76
C ARG B 160 27.34 -6.10 -13.73
N LEU B 161 26.42 -5.36 -13.14
CA LEU B 161 26.75 -4.37 -12.11
C LEU B 161 26.41 -4.87 -10.70
N ILE B 162 27.31 -4.63 -9.75
CA ILE B 162 27.04 -4.89 -8.33
C ILE B 162 27.03 -3.57 -7.57
N VAL B 163 26.06 -3.43 -6.66
CA VAL B 163 25.93 -2.25 -5.82
C VAL B 163 25.87 -2.71 -4.37
N PHE B 164 26.81 -2.22 -3.56
CA PHE B 164 26.95 -2.65 -2.18
C PHE B 164 27.39 -1.52 -1.25
N PRO B 165 26.91 -1.53 0.01
CA PRO B 165 27.34 -0.56 1.00
C PRO B 165 28.63 -0.98 1.69
N ASP B 166 29.16 -0.12 2.56
CA ASP B 166 30.40 -0.40 3.28
C ASP B 166 30.29 -1.65 4.18
N LEU B 167 31.42 -2.31 4.40
CA LEU B 167 31.50 -3.51 5.26
C LEU B 167 30.80 -3.35 6.62
N GLY B 168 30.97 -2.22 7.28
CA GLY B 168 30.30 -1.96 8.56
C GLY B 168 28.77 -2.00 8.46
N VAL B 169 28.22 -1.45 7.39
CA VAL B 169 26.79 -1.56 7.12
C VAL B 169 26.37 -3.01 6.89
N ARG B 170 27.20 -3.76 6.17
CA ARG B 170 26.87 -5.16 5.83
C ARG B 170 26.76 -6.04 7.08
N VAL B 171 27.63 -5.81 8.05
CA VAL B 171 27.55 -6.52 9.33
C VAL B 171 26.24 -6.15 10.06
N CYS B 172 25.86 -4.87 9.99
CA CYS B 172 24.64 -4.40 10.64
C CYS B 172 23.38 -4.99 10.00
N GLU B 173 23.39 -5.14 8.67
CA GLU B 173 22.29 -5.81 7.98
C GLU B 173 22.07 -7.20 8.56
N LYS B 174 23.15 -7.96 8.74
CA LYS B 174 23.08 -9.29 9.33
C LYS B 174 22.48 -9.24 10.74
N MET B 175 22.96 -8.30 11.56
CA MET B 175 22.41 -8.12 12.91
C MET B 175 20.88 -8.02 12.86
N ALA B 176 20.37 -7.16 11.99
CA ALA B 176 18.94 -6.84 11.94
C ALA B 176 18.09 -7.90 11.24
N LEU B 177 18.64 -8.51 10.18
CA LEU B 177 17.80 -9.24 9.22
C LEU B 177 18.21 -10.68 8.89
N TYR B 178 19.39 -11.13 9.33
CA TYR B 178 19.86 -12.45 8.91
C TYR B 178 18.86 -13.55 9.28
N ASP B 179 18.38 -13.52 10.52
CA ASP B 179 17.41 -14.48 11.02
C ASP B 179 16.06 -14.33 10.30
N VAL B 180 15.73 -13.11 9.86
CA VAL B 180 14.50 -12.87 9.11
C VAL B 180 14.60 -13.48 7.71
N VAL B 181 15.62 -13.10 6.96
CA VAL B 181 15.78 -13.59 5.59
C VAL B 181 16.03 -15.09 5.53
N SER B 182 16.52 -15.67 6.64
CA SER B 182 16.73 -17.11 6.74
C SER B 182 15.45 -17.89 7.02
N THR B 183 14.49 -17.27 7.71
CA THR B 183 13.33 -18.00 8.23
C THR B 183 11.98 -17.61 7.61
N LEU B 184 11.84 -16.35 7.21
CA LEU B 184 10.55 -15.82 6.73
C LEU B 184 10.08 -16.38 5.38
N PRO B 185 10.98 -16.45 4.38
CA PRO B 185 10.49 -16.82 3.05
C PRO B 185 9.87 -18.22 2.96
N GLN B 186 10.41 -19.20 3.70
CA GLN B 186 9.85 -20.55 3.72
C GLN B 186 8.43 -20.55 4.32
N VAL B 187 8.21 -19.72 5.34
CA VAL B 187 6.92 -19.65 5.99
C VAL B 187 5.88 -18.99 5.09
N VAL B 188 6.28 -17.90 4.42
CA VAL B 188 5.37 -17.13 3.56
C VAL B 188 5.02 -17.87 2.25
N MET B 189 6.01 -18.58 1.69
CA MET B 189 5.85 -19.19 0.37
C MET B 189 5.75 -20.71 0.40
N GLY B 190 5.96 -21.33 1.57
CA GLY B 190 5.83 -22.78 1.72
C GLY B 190 6.72 -23.54 0.75
N SER B 191 6.13 -24.53 0.08
CA SER B 191 6.87 -25.40 -0.86
C SER B 191 7.37 -24.67 -2.13
N SER B 192 6.79 -23.50 -2.42
CA SER B 192 7.19 -22.70 -3.58
C SER B 192 8.57 -22.04 -3.43
N TYR B 193 9.13 -22.04 -2.23
CA TYR B 193 10.43 -21.42 -1.96
C TYR B 193 11.55 -22.39 -2.31
N GLY B 194 12.27 -22.11 -3.40
CA GLY B 194 13.23 -23.06 -3.98
C GLY B 194 14.52 -23.28 -3.20
N PHE B 195 14.91 -22.29 -2.39
CA PHE B 195 16.17 -22.36 -1.63
C PHE B 195 16.18 -23.43 -0.52
N GLN B 196 15.02 -23.91 -0.11
CA GLN B 196 14.92 -24.90 0.96
C GLN B 196 15.35 -26.31 0.55
N TYR B 197 15.38 -26.58 -0.76
CA TYR B 197 15.64 -27.92 -1.27
C TYR B 197 17.12 -28.16 -1.59
N SER B 198 17.58 -29.38 -1.33
CA SER B 198 18.79 -29.89 -1.95
C SER B 198 18.43 -30.20 -3.40
N PRO B 199 19.42 -30.40 -4.27
CA PRO B 199 19.07 -30.73 -5.65
C PRO B 199 18.18 -31.97 -5.75
N GLY B 200 18.46 -32.99 -4.95
CA GLY B 200 17.67 -34.22 -4.93
C GLY B 200 16.25 -34.07 -4.40
N GLN B 201 16.07 -33.18 -3.43
CA GLN B 201 14.74 -32.85 -2.94
C GLN B 201 13.96 -32.02 -3.97
N ARG B 202 14.68 -31.14 -4.67
CA ARG B 202 14.06 -30.28 -5.69
C ARG B 202 13.51 -31.10 -6.84
N VAL B 203 14.33 -32.00 -7.38
CA VAL B 203 13.89 -32.83 -8.51
CA VAL B 203 13.90 -32.86 -8.50
C VAL B 203 12.70 -33.70 -8.10
N GLU B 204 12.69 -34.19 -6.86
CA GLU B 204 11.58 -34.98 -6.34
C GLU B 204 10.30 -34.14 -6.27
N PHE B 205 10.43 -32.88 -5.87
CA PHE B 205 9.28 -31.98 -5.79
C PHE B 205 8.74 -31.64 -7.18
N LEU B 206 9.63 -31.37 -8.13
CA LEU B 206 9.20 -31.03 -9.49
C LEU B 206 8.45 -32.17 -10.15
N VAL B 207 9.00 -33.38 -10.04
CA VAL B 207 8.41 -34.56 -10.66
C VAL B 207 7.03 -34.85 -10.05
N ASN B 208 6.95 -34.82 -8.72
CA ASN B 208 5.67 -35.02 -8.03
C ASN B 208 4.65 -33.94 -8.39
N THR B 209 5.11 -32.70 -8.56
CA THR B 209 4.23 -31.60 -8.95
C THR B 209 3.67 -31.83 -10.36
N TRP B 210 4.54 -32.28 -11.27
CA TRP B 210 4.14 -32.58 -12.64
C TRP B 210 3.08 -33.68 -12.68
N LYS B 211 3.31 -34.74 -11.92
CA LYS B 211 2.38 -35.88 -11.85
C LYS B 211 1.03 -35.49 -11.25
N SER B 212 1.03 -34.55 -10.31
CA SER B 212 -0.19 -34.19 -9.57
C SER B 212 -1.25 -33.48 -10.43
N LYS B 213 -0.87 -32.99 -11.60
CA LYS B 213 -1.82 -32.37 -12.52
C LYS B 213 -2.40 -33.44 -13.45
N LYS B 214 -3.69 -33.34 -13.77
CA LYS B 214 -4.32 -34.26 -14.72
C LYS B 214 -3.69 -34.07 -16.10
N ASN B 215 -3.78 -32.85 -16.61
CA ASN B 215 -3.18 -32.47 -17.89
C ASN B 215 -2.12 -31.39 -17.64
N PRO B 216 -0.87 -31.82 -17.34
CA PRO B 216 0.16 -30.86 -16.92
C PRO B 216 0.63 -29.91 -18.02
N MET B 217 0.78 -28.64 -17.65
CA MET B 217 1.46 -27.65 -18.48
C MET B 217 2.37 -26.87 -17.56
N GLY B 218 3.50 -26.41 -18.08
CA GLY B 218 4.43 -25.60 -17.29
C GLY B 218 5.16 -24.58 -18.14
N PHE B 219 5.53 -23.46 -17.52
CA PHE B 219 6.35 -22.45 -18.18
C PHE B 219 7.29 -21.77 -17.21
N SER B 220 8.42 -21.31 -17.73
CA SER B 220 9.31 -20.42 -17.00
C SER B 220 8.99 -18.99 -17.42
N TYR B 221 9.10 -18.06 -16.48
CA TYR B 221 8.94 -16.64 -16.78
C TYR B 221 10.17 -15.89 -16.30
N ASP B 222 10.89 -15.30 -17.25
CA ASP B 222 12.12 -14.57 -16.92
C ASP B 222 11.93 -13.08 -17.20
N THR B 223 12.04 -12.28 -16.14
CA THR B 223 11.82 -10.84 -16.23
C THR B 223 13.08 -10.19 -16.80
N ARG B 224 12.88 -9.19 -17.64
CA ARG B 224 13.98 -8.42 -18.21
C ARG B 224 14.57 -7.50 -17.14
N CYS B 225 15.82 -7.75 -16.76
N CYS B 225 15.82 -7.72 -16.75
CA CYS B 225 16.54 -6.95 -15.77
CA CYS B 225 16.52 -6.88 -15.78
C CYS B 225 15.72 -6.72 -14.50
C CYS B 225 15.71 -6.70 -14.49
N PHE B 226 15.41 -7.82 -13.82
CA PHE B 226 14.50 -7.80 -12.65
C PHE B 226 14.87 -6.76 -11.59
N ASP B 227 16.16 -6.63 -11.28
CA ASP B 227 16.60 -5.66 -10.28
C ASP B 227 16.15 -4.24 -10.61
N SER B 228 16.22 -3.84 -11.89
CA SER B 228 15.81 -2.50 -12.30
C SER B 228 14.30 -2.31 -12.32
N THR B 229 13.55 -3.40 -12.39
CA THR B 229 12.10 -3.35 -12.37
C THR B 229 11.51 -3.20 -10.96
N VAL B 230 12.32 -3.43 -9.93
CA VAL B 230 11.87 -3.33 -8.55
C VAL B 230 11.75 -1.84 -8.17
N THR B 231 10.55 -1.43 -7.79
CA THR B 231 10.25 -0.02 -7.52
C THR B 231 10.35 0.30 -6.02
N GLU B 232 10.21 1.58 -5.69
CA GLU B 232 10.15 2.02 -4.29
C GLU B 232 8.98 1.33 -3.55
N ASN B 233 7.82 1.29 -4.19
CA ASN B 233 6.65 0.58 -3.65
C ASN B 233 6.97 -0.86 -3.28
N ASP B 234 7.63 -1.56 -4.19
CA ASP B 234 7.98 -2.97 -3.98
C ASP B 234 8.86 -3.11 -2.75
N ILE B 235 9.86 -2.24 -2.65
CA ILE B 235 10.81 -2.29 -1.53
C ILE B 235 10.15 -1.91 -0.19
N ARG B 236 9.17 -1.00 -0.25
CA ARG B 236 8.35 -0.68 0.94
C ARG B 236 7.40 -1.81 1.31
N VAL B 237 6.77 -2.42 0.31
CA VAL B 237 5.92 -3.60 0.55
C VAL B 237 6.71 -4.75 1.18
N GLU B 238 7.92 -5.01 0.68
CA GLU B 238 8.83 -5.98 1.30
C GLU B 238 9.07 -5.67 2.78
N GLU B 239 9.30 -4.41 3.10
CA GLU B 239 9.52 -4.03 4.51
C GLU B 239 8.28 -4.29 5.37
N SER B 240 7.11 -4.03 4.82
CA SER B 240 5.86 -4.26 5.57
C SER B 240 5.68 -5.75 5.90
N ILE B 241 6.17 -6.62 5.03
CA ILE B 241 6.17 -8.06 5.29
C ILE B 241 7.14 -8.39 6.44
N TYR B 242 8.37 -7.89 6.36
CA TYR B 242 9.35 -8.09 7.44
C TYR B 242 8.78 -7.65 8.78
N GLN B 243 8.14 -6.48 8.78
CA GLN B 243 7.61 -5.88 10.01
C GLN B 243 6.42 -6.63 10.62
N CYS B 244 5.79 -7.51 9.85
CA CYS B 244 4.78 -8.43 10.39
C CYS B 244 5.36 -9.41 11.42
N CYS B 245 6.64 -9.72 11.30
CA CYS B 245 7.31 -10.64 12.23
C CYS B 245 7.29 -10.13 13.67
N ASP B 246 7.41 -11.07 14.60
CA ASP B 246 7.69 -10.78 16.00
C ASP B 246 9.18 -10.43 16.08
N LEU B 247 9.48 -9.16 16.34
CA LEU B 247 10.85 -8.63 16.32
C LEU B 247 11.17 -7.84 17.58
N ALA B 248 12.45 -7.79 17.95
CA ALA B 248 12.93 -6.89 19.00
C ALA B 248 12.77 -5.45 18.51
N PRO B 249 12.46 -4.51 19.41
CA PRO B 249 12.29 -3.11 19.01
C PRO B 249 13.48 -2.51 18.25
N GLU B 250 14.72 -2.76 18.72
CA GLU B 250 15.91 -2.31 17.98
C GLU B 250 15.95 -2.86 16.55
N ALA B 251 15.49 -4.10 16.37
CA ALA B 251 15.45 -4.71 15.04
C ALA B 251 14.46 -4.00 14.12
N ARG B 252 13.27 -3.69 14.64
CA ARG B 252 12.25 -2.97 13.87
C ARG B 252 12.76 -1.62 13.37
N GLN B 253 13.42 -0.88 14.26
CA GLN B 253 13.95 0.44 13.93
C GLN B 253 15.07 0.34 12.88
N ALA B 254 15.97 -0.62 13.05
CA ALA B 254 17.06 -0.84 12.09
C ALA B 254 16.55 -1.24 10.69
N ILE B 255 15.50 -2.06 10.66
CA ILE B 255 14.89 -2.49 9.39
C ILE B 255 14.21 -1.31 8.69
N LYS B 256 13.57 -0.45 9.47
CA LYS B 256 12.99 0.78 8.93
C LYS B 256 14.09 1.70 8.37
N SER B 257 15.15 1.87 9.14
CA SER B 257 16.29 2.72 8.76
C SER B 257 16.97 2.20 7.48
N LEU B 258 17.32 0.93 7.47
CA LEU B 258 17.96 0.34 6.30
C LEU B 258 17.07 0.44 5.06
N THR B 259 15.76 0.26 5.23
CA THR B 259 14.83 0.39 4.10
C THR B 259 14.87 1.82 3.53
N GLU B 260 14.65 2.81 4.38
CA GLU B 260 14.59 4.21 3.93
C GLU B 260 15.93 4.68 3.38
N ARG B 261 17.02 4.30 4.05
CA ARG B 261 18.34 4.83 3.75
C ARG B 261 19.15 4.04 2.71
N LEU B 262 18.83 2.76 2.53
CA LEU B 262 19.65 1.88 1.70
C LEU B 262 18.84 1.10 0.66
N TYR B 263 17.82 0.35 1.10
CA TYR B 263 17.15 -0.58 0.19
C TYR B 263 16.36 0.13 -0.90
N ILE B 264 15.65 1.19 -0.56
CA ILE B 264 14.86 1.96 -1.53
C ILE B 264 15.72 2.62 -2.60
N GLY B 265 16.91 3.10 -2.21
CA GLY B 265 17.78 3.78 -3.15
C GLY B 265 18.88 4.57 -2.47
N GLY B 266 19.70 5.22 -3.28
CA GLY B 266 20.80 6.03 -2.77
C GLY B 266 21.83 6.40 -3.80
N PRO B 267 22.85 7.19 -3.38
CA PRO B 267 23.91 7.63 -4.27
C PRO B 267 24.88 6.50 -4.61
N LEU B 268 25.46 6.56 -5.82
CA LEU B 268 26.36 5.53 -6.32
C LEU B 268 27.73 6.14 -6.53
N THR B 269 28.75 5.53 -5.93
CA THR B 269 30.12 6.01 -6.00
C THR B 269 31.00 4.95 -6.62
N ASN B 270 31.89 5.34 -7.55
CA ASN B 270 32.81 4.38 -8.16
C ASN B 270 33.99 4.07 -7.23
N SER B 271 34.85 3.16 -7.66
CA SER B 271 35.99 2.71 -6.84
C SER B 271 37.02 3.81 -6.59
N LYS B 272 36.95 4.90 -7.34
CA LYS B 272 37.85 6.04 -7.17
C LYS B 272 37.23 7.18 -6.36
N GLY B 273 36.04 6.95 -5.80
CA GLY B 273 35.36 7.94 -4.96
C GLY B 273 34.55 9.00 -5.68
N GLN B 274 34.30 8.81 -6.98
CA GLN B 274 33.48 9.76 -7.74
C GLN B 274 32.02 9.36 -7.70
N ASN B 275 31.14 10.37 -7.64
CA ASN B 275 29.71 10.15 -7.74
C ASN B 275 29.33 9.76 -9.16
N CYS B 276 28.80 8.54 -9.33
CA CYS B 276 28.37 8.06 -10.63
C CYS B 276 26.89 8.32 -10.89
N GLY B 277 26.11 8.56 -9.84
CA GLY B 277 24.69 8.85 -9.99
C GLY B 277 23.81 8.40 -8.83
N TYR B 278 22.62 7.92 -9.15
CA TYR B 278 21.61 7.60 -8.13
C TYR B 278 20.72 6.42 -8.54
N ARG B 279 20.46 5.54 -7.56
CA ARG B 279 19.68 4.32 -7.74
C ARG B 279 18.30 4.50 -7.12
N ARG B 280 17.27 4.02 -7.82
CA ARG B 280 15.89 3.99 -7.31
C ARG B 280 15.28 2.60 -7.50
N CYS B 281 16.14 1.58 -7.47
CA CYS B 281 15.72 0.19 -7.68
C CYS B 281 16.53 -0.72 -6.77
N ARG B 282 16.38 -2.03 -6.94
CA ARG B 282 17.09 -3.01 -6.11
C ARG B 282 18.61 -2.89 -6.22
N ALA B 283 19.27 -2.76 -5.07
CA ALA B 283 20.72 -2.95 -4.97
C ALA B 283 21.03 -4.44 -5.01
N SER B 284 21.96 -4.84 -5.87
CA SER B 284 22.24 -6.27 -6.07
C SER B 284 23.12 -6.86 -4.98
N GLY B 285 23.76 -6.01 -4.18
CA GLY B 285 24.72 -6.47 -3.17
C GLY B 285 24.33 -6.13 -1.74
N VAL B 286 23.06 -6.30 -1.40
CA VAL B 286 22.60 -6.13 -0.03
C VAL B 286 22.03 -7.44 0.48
N LEU B 287 21.92 -7.57 1.80
CA LEU B 287 21.51 -8.82 2.43
C LEU B 287 20.15 -9.32 1.94
N THR B 288 19.25 -8.38 1.70
CA THR B 288 17.86 -8.68 1.36
C THR B 288 17.61 -8.86 -0.15
N THR B 289 18.67 -8.86 -0.97
CA THR B 289 18.51 -9.00 -2.42
C THR B 289 17.75 -10.29 -2.80
N SER B 290 18.22 -11.42 -2.30
CA SER B 290 17.63 -12.70 -2.66
C SER B 290 16.22 -12.86 -2.09
N CYS B 291 16.08 -12.62 -0.79
CA CYS B 291 14.78 -12.70 -0.11
C CYS B 291 13.76 -11.72 -0.68
N GLY B 292 14.20 -10.48 -0.91
CA GLY B 292 13.35 -9.45 -1.50
C GLY B 292 12.88 -9.79 -2.90
N ASN B 293 13.80 -10.26 -3.74
CA ASN B 293 13.45 -10.66 -5.10
C ASN B 293 12.48 -11.85 -5.10
N THR B 294 12.73 -12.82 -4.24
CA THR B 294 11.86 -14.00 -4.14
C THR B 294 10.46 -13.64 -3.69
N LEU B 295 10.35 -12.79 -2.66
CA LEU B 295 9.05 -12.33 -2.17
C LEU B 295 8.30 -11.54 -3.24
N THR B 296 9.01 -10.62 -3.88
CA THR B 296 8.41 -9.73 -4.88
C THR B 296 8.02 -10.48 -6.16
N CYS B 297 8.86 -11.41 -6.59
CA CYS B 297 8.53 -12.27 -7.73
C CYS B 297 7.32 -13.17 -7.42
N TYR B 298 7.31 -13.78 -6.24
CA TYR B 298 6.19 -14.60 -5.78
C TYR B 298 4.87 -13.82 -5.70
N LEU B 299 4.94 -12.59 -5.18
CA LEU B 299 3.73 -11.74 -5.06
C LEU B 299 3.14 -11.39 -6.42
N LYS B 300 3.94 -10.80 -7.29
CA LYS B 300 3.51 -10.39 -8.61
C LYS B 300 3.03 -11.57 -9.46
N ALA B 301 3.80 -12.67 -9.41
CA ALA B 301 3.47 -13.87 -10.17
C ALA B 301 2.19 -14.54 -9.68
N SER B 302 2.00 -14.61 -8.36
CA SER B 302 0.79 -15.22 -7.80
C SER B 302 -0.46 -14.46 -8.22
N ALA B 303 -0.41 -13.13 -8.11
CA ALA B 303 -1.51 -12.27 -8.57
C ALA B 303 -1.75 -12.44 -10.06
N ALA B 304 -0.66 -12.53 -10.83
CA ALA B 304 -0.77 -12.67 -12.29
C ALA B 304 -1.40 -14.01 -12.71
N CYS B 305 -1.13 -15.08 -11.97
CA CYS B 305 -1.83 -16.36 -12.18
C CYS B 305 -3.35 -16.19 -12.04
N ARG B 306 -3.76 -15.44 -11.02
CA ARG B 306 -5.18 -15.18 -10.76
C ARG B 306 -5.80 -14.35 -11.87
N ALA B 307 -5.09 -13.32 -12.33
CA ALA B 307 -5.52 -12.54 -13.48
C ALA B 307 -5.70 -13.43 -14.72
N ALA B 308 -4.74 -14.32 -14.94
CA ALA B 308 -4.75 -15.22 -16.10
C ALA B 308 -5.71 -16.40 -15.94
N LYS B 309 -6.28 -16.55 -14.75
CA LYS B 309 -7.23 -17.62 -14.42
C LYS B 309 -6.62 -19.01 -14.68
N LEU B 310 -5.35 -19.17 -14.34
CA LEU B 310 -4.69 -20.47 -14.47
C LEU B 310 -5.16 -21.38 -13.34
N GLN B 311 -5.44 -22.64 -13.66
CA GLN B 311 -6.07 -23.57 -12.71
C GLN B 311 -5.06 -24.45 -12.00
N ASP B 312 -5.17 -24.52 -10.67
CA ASP B 312 -4.35 -25.41 -9.84
C ASP B 312 -2.86 -25.16 -10.08
N CYS B 313 -2.46 -23.90 -9.89
CA CYS B 313 -1.08 -23.48 -10.08
C CYS B 313 -0.19 -23.92 -8.92
N THR B 314 0.95 -24.50 -9.26
CA THR B 314 2.03 -24.72 -8.29
C THR B 314 3.21 -23.88 -8.76
N MET B 315 3.65 -22.97 -7.91
CA MET B 315 4.74 -22.06 -8.26
C MET B 315 6.04 -22.49 -7.62
N LEU B 316 7.14 -22.25 -8.33
CA LEU B 316 8.46 -22.44 -7.76
C LEU B 316 9.27 -21.19 -8.10
N VAL B 317 9.78 -20.55 -7.06
CA VAL B 317 10.44 -19.27 -7.18
C VAL B 317 11.80 -19.32 -6.48
N TYR B 318 12.82 -18.79 -7.17
CA TYR B 318 14.14 -18.61 -6.58
C TYR B 318 14.68 -17.28 -7.08
N GLY B 319 14.72 -16.28 -6.21
CA GLY B 319 15.07 -14.93 -6.62
C GLY B 319 14.10 -14.44 -7.68
N ASP B 320 14.65 -14.03 -8.83
CA ASP B 320 13.83 -13.56 -9.94
C ASP B 320 13.46 -14.68 -10.93
N ASP B 321 13.84 -15.91 -10.61
CA ASP B 321 13.53 -17.06 -11.46
C ASP B 321 12.22 -17.70 -10.99
N LEU B 322 11.38 -18.03 -11.96
CA LEU B 322 10.00 -18.42 -11.68
C LEU B 322 9.53 -19.52 -12.63
N VAL B 323 8.99 -20.60 -12.08
CA VAL B 323 8.28 -21.60 -12.85
C VAL B 323 6.90 -21.82 -12.26
N VAL B 324 5.91 -21.96 -13.15
CA VAL B 324 4.54 -22.31 -12.79
C VAL B 324 4.19 -23.61 -13.50
N ILE B 325 3.70 -24.59 -12.73
CA ILE B 325 3.15 -25.83 -13.28
C ILE B 325 1.67 -25.87 -12.91
N CYS B 326 0.80 -26.07 -13.91
CA CYS B 326 -0.64 -25.96 -13.72
C CYS B 326 -1.43 -26.89 -14.65
N GLU B 327 -2.76 -26.84 -14.58
CA GLU B 327 -3.62 -27.60 -15.49
C GLU B 327 -3.72 -26.93 -16.85
N SER B 328 -3.55 -27.71 -17.91
CA SER B 328 -3.64 -27.22 -19.28
C SER B 328 -5.07 -26.99 -19.72
N ALA B 329 -5.26 -26.02 -20.61
CA ALA B 329 -6.53 -25.80 -21.32
C ALA B 329 -6.38 -26.03 -22.82
N GLY B 330 -5.32 -26.75 -23.21
CA GLY B 330 -5.00 -26.96 -24.62
C GLY B 330 -4.02 -25.92 -25.12
N THR B 331 -3.35 -26.22 -26.23
CA THR B 331 -2.25 -25.37 -26.72
C THR B 331 -2.67 -23.91 -26.97
N GLN B 332 -3.69 -23.71 -27.79
CA GLN B 332 -4.08 -22.37 -28.22
C GLN B 332 -4.58 -21.50 -27.05
N GLU B 333 -5.27 -22.13 -26.11
CA GLU B 333 -5.81 -21.44 -24.94
C GLU B 333 -4.70 -21.09 -23.95
N ASP B 334 -3.79 -22.04 -23.72
CA ASP B 334 -2.64 -21.82 -22.85
C ASP B 334 -1.78 -20.65 -23.36
N ALA B 335 -1.62 -20.56 -24.67
CA ALA B 335 -0.93 -19.42 -25.29
C ALA B 335 -1.63 -18.12 -24.91
N ALA B 336 -2.95 -18.09 -25.05
CA ALA B 336 -3.77 -16.94 -24.67
C ALA B 336 -3.57 -16.58 -23.19
N SER B 337 -3.71 -17.58 -22.32
CA SER B 337 -3.52 -17.39 -20.88
C SER B 337 -2.16 -16.82 -20.50
N LEU B 338 -1.12 -17.27 -21.18
CA LEU B 338 0.24 -16.79 -20.91
C LEU B 338 0.41 -15.32 -21.28
N ARG B 339 -0.21 -14.91 -22.39
CA ARG B 339 -0.20 -13.51 -22.79
C ARG B 339 -0.86 -12.62 -21.74
N VAL B 340 -1.95 -13.11 -21.14
CA VAL B 340 -2.64 -12.41 -20.07
C VAL B 340 -1.77 -12.36 -18.80
N PHE B 341 -1.10 -13.47 -18.51
CA PHE B 341 -0.17 -13.54 -17.39
C PHE B 341 0.92 -12.48 -17.58
N THR B 342 1.48 -12.45 -18.79
CA THR B 342 2.52 -11.49 -19.15
C THR B 342 2.03 -10.04 -19.10
N GLU B 343 0.79 -9.82 -19.51
CA GLU B 343 0.17 -8.49 -19.43
C GLU B 343 0.03 -8.03 -17.98
N ALA B 344 -0.36 -8.93 -17.09
CA ALA B 344 -0.48 -8.60 -15.66
C ALA B 344 0.89 -8.34 -15.03
N MET B 345 1.86 -9.20 -15.32
CA MET B 345 3.22 -9.02 -14.81
C MET B 345 3.78 -7.68 -15.25
N THR B 346 3.53 -7.31 -16.50
CA THR B 346 4.00 -6.04 -17.03
C THR B 346 3.36 -4.83 -16.35
N ARG B 347 2.06 -4.92 -16.06
CA ARG B 347 1.39 -3.88 -15.28
C ARG B 347 1.99 -3.74 -13.88
N TYR B 348 2.46 -4.85 -13.32
CA TYR B 348 3.16 -4.83 -12.03
C TYR B 348 4.64 -4.40 -12.11
N SER B 349 5.08 -3.96 -13.29
N SER B 349 5.10 -4.05 -13.32
CA SER B 349 6.48 -3.61 -13.55
CA SER B 349 6.46 -3.56 -13.59
C SER B 349 7.37 -4.84 -13.50
C SER B 349 7.46 -4.64 -14.03
N ALA B 350 7.00 -5.86 -14.27
CA ALA B 350 7.90 -7.00 -14.51
C ALA B 350 7.67 -7.61 -15.89
N PRO B 351 8.00 -6.86 -16.96
CA PRO B 351 7.84 -7.40 -18.31
C PRO B 351 8.89 -8.46 -18.59
N PRO B 352 8.63 -9.34 -19.57
CA PRO B 352 9.53 -10.45 -19.87
C PRO B 352 10.70 -10.06 -20.76
N GLY B 353 11.81 -10.79 -20.62
CA GLY B 353 12.87 -10.74 -21.61
C GLY B 353 12.40 -11.48 -22.84
N ASP B 354 12.38 -12.81 -22.76
CA ASP B 354 11.76 -13.64 -23.79
C ASP B 354 10.31 -13.91 -23.37
N PRO B 355 9.36 -13.92 -24.33
CA PRO B 355 7.99 -14.26 -23.97
C PRO B 355 7.88 -15.70 -23.47
N PRO B 356 7.00 -15.97 -22.49
CA PRO B 356 6.89 -17.31 -21.95
C PRO B 356 6.27 -18.28 -22.96
N GLN B 357 6.73 -19.53 -22.94
CA GLN B 357 6.19 -20.58 -23.80
C GLN B 357 5.65 -21.72 -22.93
N PRO B 358 4.45 -22.21 -23.26
CA PRO B 358 3.94 -23.35 -22.51
C PRO B 358 4.64 -24.65 -22.92
N GLU B 359 4.95 -25.50 -21.95
CA GLU B 359 5.60 -26.80 -22.19
C GLU B 359 4.75 -27.95 -21.66
N TYR B 360 4.72 -29.06 -22.41
CA TYR B 360 3.92 -30.23 -22.06
C TYR B 360 4.81 -31.45 -21.77
N ASP B 361 6.11 -31.20 -21.64
CA ASP B 361 7.09 -32.18 -21.21
C ASP B 361 7.95 -31.49 -20.16
N LEU B 362 7.99 -32.05 -18.94
CA LEU B 362 8.73 -31.45 -17.82
C LEU B 362 10.18 -31.15 -18.19
N GLU B 363 10.80 -32.04 -18.97
CA GLU B 363 12.20 -31.92 -19.35
C GLU B 363 12.52 -30.74 -20.28
N LEU B 364 11.50 -30.12 -20.87
CA LEU B 364 11.70 -28.99 -21.78
C LEU B 364 11.53 -27.62 -21.12
N ILE B 365 11.28 -27.62 -19.81
CA ILE B 365 11.24 -26.37 -19.04
C ILE B 365 12.65 -26.06 -18.53
N THR B 366 13.12 -24.85 -18.82
CA THR B 366 14.43 -24.40 -18.37
C THR B 366 14.26 -23.26 -17.37
N SER B 367 14.95 -23.36 -16.23
CA SER B 367 14.86 -22.36 -15.17
C SER B 367 16.10 -22.42 -14.27
N CYS B 368 16.56 -21.26 -13.83
CA CYS B 368 17.90 -21.12 -13.22
C CYS B 368 18.94 -21.85 -14.08
N SER B 369 18.80 -21.70 -15.40
CA SER B 369 19.66 -22.34 -16.41
C SER B 369 19.61 -23.89 -16.43
N SER B 370 18.64 -24.48 -15.73
CA SER B 370 18.59 -25.93 -15.54
C SER B 370 17.32 -26.57 -16.07
N ASN B 371 17.41 -27.86 -16.40
CA ASN B 371 16.26 -28.68 -16.76
C ASN B 371 16.35 -30.06 -16.11
N VAL B 372 15.20 -30.71 -15.99
CA VAL B 372 15.14 -32.09 -15.51
C VAL B 372 15.47 -33.05 -16.66
N SER B 373 16.23 -34.10 -16.36
CA SER B 373 16.46 -35.18 -17.32
C SER B 373 16.44 -36.52 -16.59
N VAL B 374 16.64 -37.60 -17.33
CA VAL B 374 16.55 -38.94 -16.74
C VAL B 374 17.75 -39.82 -17.09
N ALA B 375 18.11 -40.66 -16.13
CA ALA B 375 19.12 -41.68 -16.32
C ALA B 375 18.68 -42.89 -15.49
N HIS B 376 19.55 -43.88 -15.37
CA HIS B 376 19.21 -45.11 -14.65
C HIS B 376 20.28 -45.44 -13.62
N ASP B 377 19.86 -45.97 -12.48
CA ASP B 377 20.81 -46.33 -11.41
C ASP B 377 21.37 -47.74 -11.65
N ALA B 378 22.12 -48.24 -10.67
CA ALA B 378 22.77 -49.55 -10.79
C ALA B 378 21.79 -50.66 -11.16
N SER B 379 20.60 -50.64 -10.57
CA SER B 379 19.59 -51.70 -10.80
C SER B 379 18.68 -51.46 -12.02
N GLY B 380 18.87 -50.34 -12.71
CA GLY B 380 18.10 -50.05 -13.92
C GLY B 380 16.88 -49.16 -13.71
N LYS B 381 16.62 -48.78 -12.46
CA LYS B 381 15.50 -47.90 -12.14
C LYS B 381 15.76 -46.49 -12.66
N ARG B 382 14.71 -45.86 -13.18
CA ARG B 382 14.78 -44.48 -13.65
C ARG B 382 15.08 -43.53 -12.49
N VAL B 383 16.07 -42.67 -12.68
CA VAL B 383 16.43 -41.66 -11.69
C VAL B 383 16.41 -40.27 -12.32
N TYR B 384 15.57 -39.39 -11.77
CA TYR B 384 15.47 -38.01 -12.24
C TYR B 384 16.55 -37.14 -11.61
N TYR B 385 17.14 -36.27 -12.41
CA TYR B 385 18.19 -35.36 -11.92
C TYR B 385 18.15 -34.04 -12.67
N LEU B 386 18.77 -33.02 -12.09
CA LEU B 386 18.85 -31.70 -12.71
C LEU B 386 20.19 -31.51 -13.40
N THR B 387 20.12 -31.01 -14.64
CA THR B 387 21.29 -30.78 -15.45
C THR B 387 21.21 -29.39 -16.11
N ARG B 388 22.19 -29.06 -16.94
CA ARG B 388 22.18 -27.82 -17.70
C ARG B 388 23.10 -27.93 -18.91
N ASP B 389 23.00 -26.95 -19.80
CA ASP B 389 23.96 -26.83 -20.87
C ASP B 389 25.32 -26.54 -20.23
N PRO B 390 26.34 -27.37 -20.53
CA PRO B 390 27.65 -27.27 -19.89
C PRO B 390 28.59 -26.19 -20.44
N THR B 391 28.15 -25.40 -21.41
CA THR B 391 29.01 -24.42 -22.10
C THR B 391 29.70 -23.46 -21.12
N THR B 392 28.90 -22.83 -20.26
CA THR B 392 29.42 -21.83 -19.32
C THR B 392 30.28 -22.47 -18.22
N PRO B 393 29.81 -23.59 -17.62
CA PRO B 393 30.68 -24.32 -16.70
C PRO B 393 32.05 -24.71 -17.28
N LEU B 394 32.08 -25.10 -18.56
CA LEU B 394 33.33 -25.51 -19.21
C LEU B 394 34.21 -24.31 -19.57
N ALA B 395 33.59 -23.20 -19.97
CA ALA B 395 34.30 -21.95 -20.19
C ALA B 395 34.97 -21.47 -18.89
N ARG B 396 34.22 -21.51 -17.80
CA ARG B 396 34.76 -21.08 -16.51
C ARG B 396 35.85 -22.02 -15.99
N ALA B 397 35.66 -23.33 -16.18
CA ALA B 397 36.69 -24.33 -15.84
C ALA B 397 38.02 -24.08 -16.57
N ALA B 398 37.94 -23.65 -17.83
CA ALA B 398 39.13 -23.35 -18.63
C ALA B 398 39.88 -22.15 -18.08
N TRP B 399 39.12 -21.12 -17.69
CA TRP B 399 39.70 -19.95 -17.06
C TRP B 399 40.37 -20.32 -15.73
N GLU B 400 39.68 -21.15 -14.95
CA GLU B 400 40.15 -21.56 -13.63
C GLU B 400 41.30 -22.56 -13.69
N THR B 401 41.49 -23.20 -14.84
CA THR B 401 42.65 -24.06 -15.06
C THR B 401 43.95 -23.25 -15.09
N ALA B 402 43.88 -22.01 -15.54
CA ALA B 402 45.07 -21.16 -15.72
C ALA B 402 45.19 -20.03 -14.69
N ARG B 403 44.09 -19.65 -14.04
CA ARG B 403 44.07 -18.57 -13.06
C ARG B 403 43.41 -19.01 -11.76
N HIS B 404 44.01 -18.64 -10.63
CA HIS B 404 43.37 -18.81 -9.33
C HIS B 404 42.34 -17.70 -9.16
N THR B 405 41.10 -18.08 -8.85
CA THR B 405 40.00 -17.15 -8.70
C THR B 405 39.40 -17.26 -7.29
N PRO B 406 38.65 -16.23 -6.86
CA PRO B 406 38.07 -16.29 -5.52
C PRO B 406 36.87 -17.27 -5.37
N VAL B 407 36.24 -17.68 -6.48
CA VAL B 407 34.95 -18.39 -6.45
C VAL B 407 34.95 -19.89 -6.86
N ASN B 408 36.03 -20.38 -7.48
CA ASN B 408 36.11 -21.79 -7.92
C ASN B 408 34.79 -22.41 -8.42
N SER B 409 34.28 -21.90 -9.54
CA SER B 409 33.02 -22.41 -10.08
C SER B 409 33.04 -23.90 -10.39
N TRP B 410 34.21 -24.45 -10.73
CA TRP B 410 34.32 -25.88 -11.02
C TRP B 410 33.91 -26.74 -9.83
N LEU B 411 34.26 -26.30 -8.63
CA LEU B 411 33.96 -27.04 -7.41
C LEU B 411 32.47 -26.99 -7.11
N GLY B 412 31.91 -25.78 -7.19
CA GLY B 412 30.47 -25.59 -7.08
C GLY B 412 29.68 -26.43 -8.08
N ASN B 413 30.16 -26.46 -9.32
CA ASN B 413 29.49 -27.25 -10.36
C ASN B 413 29.55 -28.75 -10.08
N ILE B 414 30.70 -29.26 -9.65
CA ILE B 414 30.81 -30.68 -9.32
C ILE B 414 29.80 -31.05 -8.24
N ILE B 415 29.71 -30.22 -7.19
CA ILE B 415 28.82 -30.47 -6.06
C ILE B 415 27.35 -30.43 -6.47
N MET B 416 26.93 -29.35 -7.14
CA MET B 416 25.51 -29.17 -7.46
C MET B 416 25.04 -29.97 -8.67
N TYR B 417 25.97 -30.27 -9.59
CA TYR B 417 25.66 -31.05 -10.79
C TYR B 417 26.39 -32.40 -10.79
N ALA B 418 26.65 -32.93 -9.61
CA ALA B 418 27.33 -34.21 -9.42
C ALA B 418 26.79 -35.39 -10.26
N PRO B 419 25.45 -35.49 -10.44
CA PRO B 419 24.96 -36.65 -11.19
C PRO B 419 25.04 -36.52 -12.71
N THR B 420 25.39 -35.35 -13.22
CA THR B 420 25.43 -35.14 -14.67
C THR B 420 26.61 -35.82 -15.32
N LEU B 421 26.42 -36.19 -16.58
CA LEU B 421 27.44 -36.81 -17.40
C LEU B 421 28.69 -35.94 -17.52
N TRP B 422 28.46 -34.64 -17.70
CA TRP B 422 29.54 -33.69 -17.96
C TRP B 422 30.36 -33.35 -16.71
N ALA B 423 29.70 -33.22 -15.55
CA ALA B 423 30.42 -32.97 -14.30
C ALA B 423 31.28 -34.17 -13.88
N ARG B 424 30.76 -35.37 -14.08
CA ARG B 424 31.45 -36.59 -13.69
C ARG B 424 32.63 -36.89 -14.61
N MET B 425 32.40 -36.88 -15.92
CA MET B 425 33.42 -37.30 -16.87
C MET B 425 34.49 -36.23 -17.14
N ILE B 426 34.12 -34.96 -17.10
CA ILE B 426 35.04 -33.89 -17.45
C ILE B 426 35.55 -33.14 -16.22
N LEU B 427 34.65 -32.54 -15.44
CA LEU B 427 35.08 -31.70 -14.32
C LEU B 427 35.80 -32.47 -13.21
N MET B 428 35.23 -33.60 -12.78
CA MET B 428 35.88 -34.41 -11.75
C MET B 428 37.24 -34.91 -12.23
N THR B 429 37.27 -35.45 -13.45
CA THR B 429 38.49 -35.99 -14.03
C THR B 429 39.60 -34.94 -14.19
N HIS B 430 39.25 -33.79 -14.74
CA HIS B 430 40.22 -32.73 -15.03
C HIS B 430 40.82 -32.11 -13.77
N PHE B 431 39.96 -31.76 -12.82
CA PHE B 431 40.44 -31.03 -11.63
C PHE B 431 41.11 -31.94 -10.59
N PHE B 432 40.67 -33.18 -10.45
CA PHE B 432 41.38 -34.12 -9.57
C PHE B 432 42.78 -34.44 -10.10
N SER B 433 42.93 -34.48 -11.42
CA SER B 433 44.24 -34.62 -12.03
C SER B 433 45.15 -33.48 -11.60
N ILE B 434 44.63 -32.25 -11.69
CA ILE B 434 45.35 -31.04 -11.29
C ILE B 434 45.71 -31.06 -9.80
N LEU B 435 44.77 -31.47 -8.96
CA LEU B 435 44.98 -31.51 -7.50
C LEU B 435 46.02 -32.56 -7.11
N LEU B 436 46.01 -33.69 -7.83
CA LEU B 436 47.00 -34.74 -7.62
C LEU B 436 48.40 -34.23 -7.98
N ALA B 437 48.53 -33.61 -9.15
CA ALA B 437 49.81 -33.08 -9.61
C ALA B 437 50.43 -32.09 -8.61
N GLN B 438 49.59 -31.32 -7.92
CA GLN B 438 50.07 -30.33 -6.95
C GLN B 438 49.99 -30.81 -5.48
N GLU B 439 49.52 -32.04 -5.26
CA GLU B 439 49.27 -32.58 -3.92
C GLU B 439 48.41 -31.64 -3.08
N GLN B 440 47.31 -31.17 -3.66
CA GLN B 440 46.41 -30.20 -3.01
C GLN B 440 45.00 -30.76 -2.77
N LEU B 441 44.90 -32.07 -2.55
CA LEU B 441 43.61 -32.70 -2.28
C LEU B 441 43.00 -32.26 -0.94
N GLU B 442 43.85 -32.03 0.06
CA GLU B 442 43.38 -31.65 1.40
C GLU B 442 43.23 -30.13 1.62
N LYS B 443 43.59 -29.33 0.61
CA LYS B 443 43.53 -27.87 0.73
C LYS B 443 42.11 -27.35 0.53
N ALA B 444 41.57 -26.68 1.56
CA ALA B 444 40.24 -26.09 1.50
C ALA B 444 40.17 -25.03 0.41
N LEU B 445 39.12 -25.09 -0.41
CA LEU B 445 38.90 -24.12 -1.49
C LEU B 445 37.56 -23.40 -1.29
N ASP B 446 37.53 -22.10 -1.60
CA ASP B 446 36.30 -21.32 -1.50
C ASP B 446 35.40 -21.60 -2.71
N CYS B 447 34.13 -21.91 -2.46
CA CYS B 447 33.13 -21.97 -3.52
C CYS B 447 31.83 -21.33 -3.06
N GLN B 448 30.88 -21.18 -3.97
CA GLN B 448 29.67 -20.39 -3.72
C GLN B 448 28.40 -21.16 -4.10
N ILE B 449 27.57 -21.48 -3.10
CA ILE B 449 26.33 -22.24 -3.28
C ILE B 449 25.14 -21.42 -2.78
N TYR B 450 24.21 -21.09 -3.68
CA TYR B 450 23.04 -20.27 -3.39
C TYR B 450 23.43 -18.90 -2.84
N GLY B 451 24.54 -18.35 -3.32
CA GLY B 451 25.04 -17.05 -2.87
C GLY B 451 25.98 -17.08 -1.66
N ALA B 452 25.92 -18.15 -0.87
CA ALA B 452 26.74 -18.27 0.33
C ALA B 452 28.09 -18.89 -0.01
N CYS B 453 29.16 -18.35 0.57
N CYS B 453 29.15 -18.36 0.58
CA CYS B 453 30.51 -18.85 0.34
CA CYS B 453 30.51 -18.84 0.36
C CYS B 453 30.84 -19.97 1.33
C CYS B 453 30.84 -19.97 1.34
N TYR B 454 31.36 -21.08 0.81
CA TYR B 454 31.75 -22.23 1.63
C TYR B 454 33.20 -22.57 1.36
N SER B 455 33.91 -22.97 2.40
CA SER B 455 35.27 -23.49 2.29
C SER B 455 35.22 -25.01 2.36
N ILE B 456 35.65 -25.67 1.29
CA ILE B 456 35.45 -27.11 1.13
C ILE B 456 36.74 -27.79 0.70
N GLU B 457 37.06 -28.92 1.33
CA GLU B 457 38.19 -29.75 0.93
C GLU B 457 37.72 -30.76 -0.12
N PRO B 458 38.39 -30.80 -1.29
CA PRO B 458 38.02 -31.78 -2.33
C PRO B 458 37.84 -33.23 -1.85
N LEU B 459 38.66 -33.65 -0.87
CA LEU B 459 38.57 -34.99 -0.28
C LEU B 459 37.21 -35.32 0.36
N ASP B 460 36.47 -34.28 0.78
CA ASP B 460 35.14 -34.47 1.36
C ASP B 460 34.00 -34.56 0.34
N LEU B 461 34.32 -34.48 -0.96
CA LEU B 461 33.28 -34.48 -1.99
C LEU B 461 32.33 -35.68 -1.98
N PRO B 462 32.85 -36.91 -1.78
CA PRO B 462 31.95 -38.07 -1.80
C PRO B 462 30.79 -37.98 -0.79
N GLN B 463 31.11 -37.63 0.45
CA GLN B 463 30.09 -37.46 1.49
C GLN B 463 29.15 -36.29 1.19
N ILE B 464 29.69 -35.19 0.69
CA ILE B 464 28.88 -34.03 0.32
C ILE B 464 27.90 -34.39 -0.81
N ILE B 465 28.37 -35.16 -1.79
CA ILE B 465 27.55 -35.58 -2.93
C ILE B 465 26.45 -36.57 -2.51
N GLU B 466 26.79 -37.53 -1.64
CA GLU B 466 25.80 -38.50 -1.15
C GLU B 466 24.62 -37.81 -0.46
N ARG B 467 24.92 -36.81 0.36
CA ARG B 467 23.89 -36.09 1.12
C ARG B 467 22.99 -35.21 0.25
N LEU B 468 23.55 -34.64 -0.82
CA LEU B 468 22.77 -33.76 -1.70
C LEU B 468 21.99 -34.51 -2.78
N HIS B 469 22.50 -35.66 -3.20
CA HIS B 469 21.96 -36.37 -4.36
C HIS B 469 21.60 -37.83 -4.12
N GLY B 470 22.14 -38.43 -3.06
CA GLY B 470 22.00 -39.86 -2.82
C GLY B 470 23.12 -40.66 -3.48
N LEU B 471 23.20 -41.94 -3.12
CA LEU B 471 24.23 -42.85 -3.63
C LEU B 471 24.15 -43.07 -5.14
N SER B 472 22.94 -42.98 -5.69
CA SER B 472 22.72 -43.14 -7.12
C SER B 472 23.60 -42.21 -7.97
N ALA B 473 23.99 -41.07 -7.40
CA ALA B 473 24.88 -40.11 -8.06
C ALA B 473 26.17 -40.74 -8.55
N PHE B 474 26.65 -41.78 -7.86
CA PHE B 474 27.88 -42.47 -8.22
C PHE B 474 27.69 -43.64 -9.17
N SER B 475 26.45 -43.91 -9.60
CA SER B 475 26.16 -45.06 -10.45
C SER B 475 25.20 -44.80 -11.63
N LEU B 476 24.85 -43.54 -11.90
CA LEU B 476 23.96 -43.25 -13.02
C LEU B 476 24.57 -43.69 -14.35
N HIS B 477 23.73 -44.18 -15.25
CA HIS B 477 24.15 -44.57 -16.60
C HIS B 477 22.93 -44.54 -17.52
N SER B 478 23.11 -44.89 -18.79
CA SER B 478 22.04 -44.79 -19.79
C SER B 478 21.38 -43.41 -19.72
N TYR B 479 22.20 -42.38 -19.92
CA TYR B 479 21.72 -41.01 -20.03
C TYR B 479 20.88 -40.89 -21.30
N SER B 480 20.02 -39.88 -21.38
CA SER B 480 19.14 -39.72 -22.52
C SER B 480 19.90 -39.29 -23.80
N PRO B 481 19.36 -39.61 -24.98
CA PRO B 481 19.97 -39.17 -26.25
C PRO B 481 20.05 -37.65 -26.41
N GLY B 482 19.06 -36.94 -25.90
CA GLY B 482 19.05 -35.48 -25.93
C GLY B 482 20.16 -34.86 -25.11
N GLU B 483 20.37 -35.39 -23.90
CA GLU B 483 21.40 -34.90 -22.99
C GLU B 483 22.80 -35.24 -23.50
N ILE B 484 22.99 -36.47 -23.96
CA ILE B 484 24.26 -36.89 -24.55
C ILE B 484 24.61 -36.01 -25.75
N ASN B 485 23.63 -35.77 -26.62
CA ASN B 485 23.86 -34.97 -27.82
C ASN B 485 24.18 -33.50 -27.51
N ARG B 486 23.52 -32.92 -26.51
CA ARG B 486 23.82 -31.55 -26.09
C ARG B 486 25.25 -31.45 -25.58
N VAL B 487 25.67 -32.41 -24.76
CA VAL B 487 27.03 -32.43 -24.23
C VAL B 487 28.06 -32.57 -25.35
N ALA B 488 27.86 -33.56 -26.24
CA ALA B 488 28.77 -33.80 -27.37
C ALA B 488 28.90 -32.58 -28.28
N SER B 489 27.76 -31.94 -28.59
CA SER B 489 27.77 -30.73 -29.40
C SER B 489 28.58 -29.61 -28.73
N CYS B 490 28.39 -29.46 -27.43
CA CYS B 490 29.15 -28.47 -26.68
C CYS B 490 30.66 -28.74 -26.74
N LEU B 491 31.04 -30.01 -26.64
CA LEU B 491 32.47 -30.37 -26.69
C LEU B 491 33.09 -30.02 -28.04
N ARG B 492 32.41 -30.33 -29.13
CA ARG B 492 32.89 -29.97 -30.48
C ARG B 492 32.93 -28.45 -30.69
N LYS B 493 31.91 -27.75 -30.19
CA LYS B 493 31.85 -26.29 -30.30
C LYS B 493 33.06 -25.60 -29.63
N LEU B 494 33.41 -26.05 -28.43
CA LEU B 494 34.48 -25.44 -27.62
C LEU B 494 35.88 -26.00 -27.88
N GLY B 495 35.97 -27.10 -28.61
CA GLY B 495 37.24 -27.78 -28.83
C GLY B 495 37.71 -28.54 -27.60
N VAL B 496 36.75 -29.12 -26.87
CA VAL B 496 37.03 -30.00 -25.74
C VAL B 496 37.16 -31.41 -26.29
N PRO B 497 38.14 -32.19 -25.79
CA PRO B 497 38.25 -33.60 -26.21
C PRO B 497 36.95 -34.38 -26.02
N PRO B 498 36.68 -35.36 -26.90
CA PRO B 498 35.46 -36.16 -26.77
C PRO B 498 35.43 -37.05 -25.53
N LEU B 499 34.23 -37.48 -25.15
CA LEU B 499 34.01 -38.22 -23.90
C LEU B 499 34.84 -39.49 -23.75
N ARG B 500 35.22 -40.12 -24.86
CA ARG B 500 36.05 -41.32 -24.81
C ARG B 500 37.47 -41.04 -24.30
N VAL B 501 38.00 -39.85 -24.60
CA VAL B 501 39.30 -39.43 -24.07
C VAL B 501 39.19 -39.28 -22.55
N TRP B 502 38.08 -38.68 -22.10
CA TRP B 502 37.89 -38.43 -20.68
C TRP B 502 37.75 -39.72 -19.88
N ARG B 503 37.07 -40.72 -20.45
CA ARG B 503 37.02 -42.04 -19.84
C ARG B 503 38.44 -42.59 -19.63
N HIS B 504 39.28 -42.49 -20.67
CA HIS B 504 40.65 -42.97 -20.57
C HIS B 504 41.41 -42.24 -19.45
N ARG B 505 41.28 -40.92 -19.41
CA ARG B 505 41.94 -40.12 -18.39
C ARG B 505 41.42 -40.44 -16.98
N ALA B 506 40.13 -40.67 -16.86
CA ALA B 506 39.52 -40.99 -15.56
C ALA B 506 40.10 -42.26 -14.95
N ARG B 507 40.33 -43.28 -15.77
CA ARG B 507 40.95 -44.52 -15.30
C ARG B 507 42.32 -44.25 -14.67
N SER B 508 43.11 -43.38 -15.30
CA SER B 508 44.40 -42.96 -14.74
C SER B 508 44.25 -42.23 -13.42
N VAL B 509 43.34 -41.25 -13.40
CA VAL B 509 43.07 -40.46 -12.22
C VAL B 509 42.58 -41.36 -11.07
N ARG B 510 41.70 -42.30 -11.38
CA ARG B 510 41.20 -43.25 -10.39
C ARG B 510 42.33 -44.07 -9.76
N ALA B 511 43.18 -44.66 -10.60
CA ALA B 511 44.30 -45.48 -10.13
C ALA B 511 45.23 -44.69 -9.20
N ARG B 512 45.51 -43.43 -9.57
CA ARG B 512 46.37 -42.56 -8.76
C ARG B 512 45.76 -42.28 -7.39
N LEU B 513 44.45 -42.04 -7.36
CA LEU B 513 43.73 -41.80 -6.10
C LEU B 513 43.70 -43.04 -5.20
N LEU B 514 43.46 -44.21 -5.79
CA LEU B 514 43.50 -45.47 -5.05
C LEU B 514 44.89 -45.74 -4.47
N SER B 515 45.93 -45.39 -5.23
CA SER B 515 47.32 -45.57 -4.81
C SER B 515 47.68 -44.83 -3.52
N GLN B 516 47.04 -43.70 -3.26
CA GLN B 516 47.33 -42.89 -2.08
C GLN B 516 46.60 -43.32 -0.80
N GLY B 517 45.55 -44.14 -0.95
CA GLY B 517 44.80 -44.65 0.19
C GLY B 517 44.05 -43.56 0.94
N GLY B 518 43.44 -43.93 2.06
CA GLY B 518 42.70 -42.98 2.88
C GLY B 518 41.51 -42.36 2.17
N ARG B 519 41.24 -41.09 2.46
CA ARG B 519 40.15 -40.36 1.83
C ARG B 519 40.36 -40.18 0.33
N ALA B 520 41.62 -40.16 -0.10
CA ALA B 520 41.95 -40.08 -1.51
C ALA B 520 41.40 -41.29 -2.27
N ALA B 521 41.69 -42.49 -1.73
CA ALA B 521 41.19 -43.74 -2.31
C ALA B 521 39.67 -43.78 -2.38
N THR B 522 39.02 -43.25 -1.34
CA THR B 522 37.56 -43.14 -1.29
C THR B 522 37.03 -42.24 -2.43
N CYS B 523 37.75 -41.16 -2.73
CA CYS B 523 37.42 -40.34 -3.90
C CYS B 523 37.54 -41.15 -5.19
N GLY B 524 38.59 -41.96 -5.28
CA GLY B 524 38.78 -42.86 -6.41
C GLY B 524 37.63 -43.83 -6.58
N LYS B 525 37.25 -44.50 -5.49
CA LYS B 525 36.22 -45.53 -5.52
C LYS B 525 34.85 -44.99 -5.96
N TYR B 526 34.43 -43.88 -5.36
CA TYR B 526 33.06 -43.37 -5.53
C TYR B 526 32.90 -42.41 -6.70
N LEU B 527 33.79 -41.43 -6.83
CA LEU B 527 33.67 -40.44 -7.89
C LEU B 527 33.95 -41.02 -9.26
N PHE B 528 34.76 -42.07 -9.35
CA PHE B 528 35.21 -42.60 -10.63
C PHE B 528 34.85 -44.06 -10.88
N ASN B 529 33.84 -44.58 -10.19
CA ASN B 529 33.40 -45.96 -10.44
C ASN B 529 32.85 -46.15 -11.85
N TRP B 530 32.29 -45.09 -12.42
CA TRP B 530 31.81 -45.09 -13.81
C TRP B 530 32.88 -45.41 -14.86
N ALA B 531 34.14 -45.16 -14.52
CA ALA B 531 35.24 -45.26 -15.49
C ALA B 531 35.73 -46.69 -15.71
N VAL B 532 35.42 -47.60 -14.79
CA VAL B 532 35.89 -48.98 -14.86
C VAL B 532 34.82 -49.95 -15.33
N LYS B 533 35.26 -51.10 -15.87
CA LYS B 533 34.37 -52.12 -16.43
C LYS B 533 33.72 -52.95 -15.32
N THR B 534 34.57 -53.60 -14.52
CA THR B 534 34.11 -54.38 -13.38
C THR B 534 33.85 -53.42 -12.21
N LYS B 535 32.59 -53.03 -12.04
CA LYS B 535 32.22 -51.98 -11.10
C LYS B 535 32.27 -52.49 -9.66
N LEU B 536 32.77 -51.66 -8.76
CA LEU B 536 32.67 -51.93 -7.32
C LEU B 536 31.24 -51.64 -6.89
N LYS B 537 30.66 -52.52 -6.08
CA LYS B 537 29.35 -52.26 -5.48
C LYS B 537 29.57 -51.27 -4.33
N LEU B 538 28.95 -50.09 -4.46
CA LEU B 538 29.18 -48.99 -3.53
C LEU B 538 28.21 -49.04 -2.35
N THR B 539 28.74 -48.90 -1.14
CA THR B 539 27.96 -48.86 0.09
C THR B 539 28.08 -47.46 0.69
N PRO B 540 27.28 -47.13 1.71
CA PRO B 540 27.38 -45.80 2.31
C PRO B 540 28.77 -45.47 2.86
N ILE B 541 29.17 -44.21 2.74
CA ILE B 541 30.46 -43.74 3.26
C ILE B 541 30.29 -43.29 4.71
N PRO B 542 31.13 -43.83 5.63
CA PRO B 542 31.06 -43.44 7.04
C PRO B 542 31.15 -41.93 7.27
N GLY B 556 18.24 -18.03 0.57
CA GLY B 556 19.11 -17.44 -0.44
C GLY B 556 19.85 -16.23 0.09
N TYR B 557 21.08 -16.03 -0.37
CA TYR B 557 21.92 -14.90 0.06
C TYR B 557 22.74 -14.29 -1.08
N SER B 558 22.28 -14.47 -2.32
CA SER B 558 23.01 -13.96 -3.50
C SER B 558 23.28 -12.46 -3.37
N GLY B 559 24.58 -12.10 -3.38
CA GLY B 559 25.02 -10.72 -3.14
C GLY B 559 25.01 -10.30 -1.68
N GLY B 560 24.61 -11.21 -0.79
CA GLY B 560 24.34 -10.88 0.61
C GLY B 560 25.53 -11.02 1.55
N ASP B 561 26.69 -11.40 1.01
CA ASP B 561 27.93 -11.37 1.78
C ASP B 561 27.86 -12.35 2.97
N ILE B 562 27.63 -13.63 2.68
CA ILE B 562 27.43 -14.65 3.71
C ILE B 562 28.43 -15.79 3.61
N TYR B 563 28.93 -16.26 4.75
CA TYR B 563 29.93 -17.32 4.82
C TYR B 563 29.61 -18.36 5.91
N HIS B 564 29.90 -19.63 5.62
CA HIS B 564 29.68 -20.71 6.60
C HIS B 564 30.88 -21.64 6.68
C01 1C0 C . -18.35 21.73 -1.48
N02 1C0 C . -17.26 22.17 -0.68
C03 1C0 C . -17.42 23.30 0.12
O04 1C0 C . -16.55 23.48 1.01
C05 1C0 C . -18.70 24.14 0.15
C06 1C0 C . -19.32 24.96 -0.87
O07 1C0 C . -20.41 25.60 -0.31
C08 1C0 C . -20.48 25.23 1.00
C09 1C0 C . -21.41 25.63 1.98
C10 1C0 C . -21.30 25.13 3.29
N11 1C0 C . -22.33 25.64 4.23
C12 1C0 C . -23.55 24.94 4.37
C13 1C0 C . -23.56 23.67 5.24
C14 1C0 C . -23.58 23.83 6.60
C15 1C0 C . -23.60 22.69 7.46
C16 1C0 C . -23.62 22.61 8.99
O17 1C0 C . -23.45 21.24 9.35
B18 1C0 C . -23.53 20.46 8.17
O19 1C0 C . -22.73 19.25 8.20
C20 1C0 C . -23.56 21.51 6.96
C21 1C0 C . -23.53 21.33 5.53
F22 1C0 C . -23.50 20.09 5.01
C23 1C0 C . -23.54 22.43 4.70
S24 1C0 C . -22.05 27.04 4.97
C25 1C0 C . -23.01 28.27 4.14
O26 1C0 C . -20.63 27.42 4.87
O27 1C0 C . -22.40 26.96 6.39
C28 1C0 C . -20.23 24.26 3.65
C29 1C0 C . -19.31 23.85 2.64
C30 1C0 C . -19.45 24.33 1.30
C31 1C0 C . -20.11 23.69 5.03
C32 1C0 C . -20.12 22.35 5.69
C33 1C0 C . -18.83 23.09 5.53
C34 1C0 C . -18.99 25.22 -2.18
C35 1C0 C . -17.67 25.17 -2.64
C36 1C0 C . -17.37 25.55 -3.96
C37 1C0 C . -18.33 26.09 -4.76
F38 1C0 C . -18.05 26.46 -5.96
C39 1C0 C . -19.67 26.24 -4.28
C40 1C0 C . -19.98 25.82 -2.99
C01 1C0 D . 12.47 -21.54 -10.07
N02 1C0 D . 13.34 -22.55 -10.63
C03 1C0 D . 13.98 -23.49 -9.79
O04 1C0 D . 13.99 -23.28 -8.54
C05 1C0 D . 14.97 -24.47 -10.38
C06 1C0 D . 14.86 -25.34 -11.52
O07 1C0 D . 16.04 -26.03 -11.66
C08 1C0 D . 16.91 -25.59 -10.70
C09 1C0 D . 18.25 -25.97 -10.45
C10 1C0 D . 18.98 -25.37 -9.39
N11 1C0 D . 20.37 -25.81 -9.24
C12 1C0 D . 21.41 -25.11 -9.91
C13 1C0 D . 21.92 -23.76 -9.34
C14 1C0 D . 22.86 -23.82 -8.34
C15 1C0 D . 23.38 -22.61 -7.78
C16 1C0 D . 24.45 -22.41 -6.69
O17 1C0 D . 24.69 -21.01 -6.58
B18 1C0 D . 23.73 -20.34 -7.38
O19 1C0 D . 24.17 -19.04 -7.87
C20 1C0 D . 22.96 -21.48 -8.18
C21 1C0 D . 22.00 -21.41 -9.25
F22 1C0 D . 21.58 -20.21 -9.69
C23 1C0 D . 21.51 -22.58 -9.81
S24 1C0 D . 20.67 -27.15 -8.41
C25 1C0 D . 22.01 -26.93 -7.28
O26 1C0 D . 19.47 -27.57 -7.67
O27 1C0 D . 20.98 -28.20 -9.40
C28 1C0 D . 18.35 -24.41 -8.54
C29 1C0 D . 17.01 -24.01 -8.82
C30 1C0 D . 16.28 -24.62 -9.89
C31 1C0 D . 19.12 -23.75 -7.42
C32 1C0 D . 19.43 -22.38 -6.91
C33 1C0 D . 18.44 -23.24 -6.19
C34 1C0 D . 13.76 -25.65 -12.32
C35 1C0 D . 12.46 -25.68 -11.80
C36 1C0 D . 11.39 -26.14 -12.61
C37 1C0 D . 11.63 -26.66 -13.85
F38 1C0 D . 10.66 -27.09 -14.57
C39 1C0 D . 12.97 -26.69 -14.36
C40 1C0 D . 14.01 -26.21 -13.59
#